data_2RM2
#
_entry.id   2RM2
#
_cell.length_a   445.100
_cell.length_b   445.100
_cell.length_c   445.100
_cell.angle_alpha   90.00
_cell.angle_beta   90.00
_cell.angle_gamma   90.00
#
_symmetry.space_group_name_H-M   'P 21 3'
#
loop_
_entity.id
_entity.type
_entity.pdbx_description
1 polymer 'HUMAN RHINOVIRUS 14 COAT PROTEIN (SUBUNIT VP1)'
2 polymer 'HUMAN RHINOVIRUS 14 COAT PROTEIN (SUBUNIT VP2)'
3 polymer 'HUMAN RHINOVIRUS 14 COAT PROTEIN (SUBUNIT VP3)'
4 polymer 'HUMAN RHINOVIRUS 14 COAT PROTEIN (SUBUNIT VP4)'
5 non-polymer '5-(7-(6-CHLORO-4-(5-HYDRO-4-METHYL-2-OXAZOLYL)PHENOXY)HEPTYL)-3-METHYL ISOXAZOLE'
6 water water
#
loop_
_entity_poly.entity_id
_entity_poly.type
_entity_poly.pdbx_seq_one_letter_code
_entity_poly.pdbx_strand_id
1 'polypeptide(L)'
;GLGDELEEVIVEKTKQTVASISSGPKHTQKVPILTANETGATMPVLPSDSIETRTTYMHFNGSETDVECFLGRAACVHVT
EIQNKDATGIDNHREAKLFNDWKINLSSLVQLRKKLELFTYVRFDSEYTILATASQPDSANYSSNLVVQAMYVPPGAPNP
KEWDDYTWQSASNPSVFFKVGDTSRFSVPYVGLASAYNCFYDGYSHDDAETQYGITVLNHMGSMAFRIVNEHDEHKTLVK
IRVYHRAKHVEAWIPRAPRALPYTSIGRTNYPKNTEPVIKKRKGDIKSY
;
1
2 'polypeptide(L)'
;SPNVEACGYSDRVQQITLGNSTITTQEAANAVVCYAEWPEYLPDVDASDVNKTSKPDTSVCRFYTLDSKTWTTGSKGWCW
KLPDALKDMGVFGQNMFFHSLGRSGYTVHVQCNATKFHSGCLLVVVIPEHQLASHEGGNVSVKYTFTHPGERGIDLSSAN
EVGGPVKDVLYNMNGTLLGNLLIFPHQFINLRTNNTATIVIPYINSVPIDSMTRHNNVSLMVIPIAPLTVPTGATPSLPI
TVTIAPMCTEFSGIRSKSIVPQ
;
2
3 'polypeptide(L)'
;GLPTTTLPGSGQFLTTDDRQSPSALPNYEPTPRIHIPGKVHNLLEIIQVDTLIPMNNTHTKDEVNSYLIPLNANRQNEQV
FGTNLFIGDGVFKTTLLGEIVQYYTHWSGSLRFSLMYTGPALSSAKLILAYTPPGARGPQDRREAMLGTHVVWDIGLQST
IVMTIPWTSGVQFRYTDPDTYTSAGFLSCWYQTSLILPPETTGQVYLLSFISACPDFKLRLMKDTQTISQTVALTE
;
3
4 'polypeptide(L)' GAQVSTQKSGSHENQNILTNGSNQTFTVINYYKDAASTSSAGQSLSMDPSKFTEPVKDLMLKGAPALN 4
#
# COMPACT_ATOMS: atom_id res chain seq x y z
N THR A 17 25.91 -8.07 15.45
CA THR A 17 24.51 -8.46 15.62
C THR A 17 24.02 -9.91 15.55
N VAL A 18 23.27 -10.38 16.59
CA VAL A 18 22.98 -11.83 16.39
C VAL A 18 21.71 -11.97 15.59
N ALA A 19 21.72 -12.90 14.66
CA ALA A 19 20.56 -13.25 13.85
C ALA A 19 19.72 -14.30 14.58
N SER A 20 20.41 -15.08 15.35
CA SER A 20 19.66 -16.12 16.14
C SER A 20 20.51 -16.32 17.39
N ILE A 21 19.87 -16.49 18.54
CA ILE A 21 20.63 -16.80 19.73
C ILE A 21 20.55 -18.35 19.93
N SER A 22 21.31 -18.79 20.89
CA SER A 22 21.30 -20.24 21.14
C SER A 22 20.11 -20.58 21.97
N SER A 23 19.31 -21.50 21.77
CA SER A 23 18.15 -21.69 22.77
C SER A 23 17.94 -23.14 22.91
N GLY A 24 17.52 -23.69 24.00
CA GLY A 24 17.43 -25.21 24.17
C GLY A 24 16.04 -25.62 24.45
N PRO A 25 15.83 -26.79 25.03
CA PRO A 25 14.49 -27.36 25.27
C PRO A 25 13.70 -26.37 26.12
N LYS A 26 12.45 -26.30 26.14
CA LYS A 26 11.49 -25.44 26.84
C LYS A 26 10.35 -26.27 27.43
N HIS A 27 9.84 -26.10 28.59
CA HIS A 27 8.62 -26.86 29.07
C HIS A 27 7.95 -25.79 29.95
N THR A 28 7.37 -24.77 29.47
CA THR A 28 6.84 -23.71 30.14
C THR A 28 5.31 -23.50 30.07
N GLN A 29 4.97 -22.50 30.83
CA GLN A 29 3.64 -22.00 31.09
C GLN A 29 3.62 -20.67 30.30
N LYS A 30 4.72 -20.41 29.67
CA LYS A 30 4.88 -19.11 28.94
C LYS A 30 4.99 -19.43 27.47
N VAL A 31 3.91 -19.37 26.71
CA VAL A 31 3.89 -19.80 25.30
C VAL A 31 3.92 -18.67 24.35
N PRO A 32 5.04 -18.24 23.81
CA PRO A 32 5.10 -17.12 22.89
C PRO A 32 4.46 -17.39 21.54
N ILE A 33 4.15 -18.61 21.18
CA ILE A 33 3.62 -18.86 19.84
C ILE A 33 2.12 -18.84 19.82
N LEU A 34 1.39 -18.69 20.88
CA LEU A 34 -0.10 -18.64 20.80
C LEU A 34 -0.49 -17.18 20.80
N THR A 35 -1.12 -16.65 19.83
CA THR A 35 -1.50 -15.22 19.93
C THR A 35 -2.89 -14.99 19.53
N ALA A 36 -3.42 -13.81 19.39
CA ALA A 36 -4.79 -13.50 18.93
C ALA A 36 -4.68 -12.52 17.77
N ASN A 37 -4.62 -12.86 16.52
CA ASN A 37 -4.41 -11.98 15.39
C ASN A 37 -5.54 -10.99 15.23
N GLU A 38 -6.61 -11.20 16.01
CA GLU A 38 -7.73 -10.30 15.84
C GLU A 38 -7.38 -8.91 16.30
N THR A 39 -6.29 -8.79 17.05
CA THR A 39 -5.87 -7.54 17.70
C THR A 39 -5.26 -6.60 16.70
N GLY A 40 -4.75 -7.11 15.58
CA GLY A 40 -4.17 -6.26 14.57
C GLY A 40 -2.68 -6.25 14.75
N ALA A 41 -2.12 -6.94 15.69
CA ALA A 41 -0.62 -6.88 15.81
C ALA A 41 0.04 -7.98 15.06
N THR A 42 1.29 -7.90 14.64
CA THR A 42 2.08 -9.08 14.20
C THR A 42 3.13 -9.28 15.29
N MET A 43 2.84 -10.17 16.18
CA MET A 43 3.77 -10.49 17.29
C MET A 43 5.10 -10.96 16.76
N PRO A 44 6.17 -10.41 17.29
CA PRO A 44 7.55 -10.68 16.84
C PRO A 44 8.13 -12.02 17.20
N VAL A 45 7.57 -13.08 16.69
CA VAL A 45 8.03 -14.46 16.99
C VAL A 45 9.24 -14.78 16.15
N LEU A 46 10.15 -15.52 16.75
CA LEU A 46 11.43 -15.97 16.15
C LEU A 46 11.64 -17.47 16.18
N PRO A 47 12.53 -17.95 15.31
CA PRO A 47 12.84 -19.39 15.28
C PRO A 47 13.09 -19.91 16.65
N SER A 48 13.78 -19.13 17.47
CA SER A 48 14.17 -19.64 18.81
C SER A 48 12.97 -19.62 19.71
N ASP A 49 11.77 -19.59 19.32
CA ASP A 49 10.65 -19.56 20.31
C ASP A 49 9.99 -20.93 20.22
N SER A 50 10.38 -21.57 19.11
CA SER A 50 9.72 -22.84 18.84
C SER A 50 10.66 -23.91 18.40
N ILE A 51 11.90 -23.80 18.11
CA ILE A 51 12.84 -24.91 17.92
C ILE A 51 14.08 -24.62 18.76
N GLU A 52 15.01 -25.51 18.88
CA GLU A 52 16.28 -25.25 19.62
C GLU A 52 17.24 -24.63 18.63
N THR A 53 17.81 -23.47 18.77
CA THR A 53 18.72 -22.80 17.83
C THR A 53 20.11 -22.70 18.39
N ARG A 54 21.02 -22.27 17.54
CA ARG A 54 22.47 -22.10 17.83
C ARG A 54 22.77 -20.64 17.54
N THR A 55 23.77 -20.04 18.04
CA THR A 55 24.04 -18.64 17.64
C THR A 55 24.52 -18.52 16.23
N THR A 56 24.05 -17.47 15.59
CA THR A 56 24.48 -17.07 14.23
C THR A 56 24.39 -15.54 14.20
N TYR A 57 25.27 -14.92 13.42
CA TYR A 57 25.23 -13.44 13.24
C TYR A 57 24.66 -13.04 11.93
N MET A 58 24.21 -11.79 11.90
CA MET A 58 23.50 -11.27 10.70
C MET A 58 24.46 -10.99 9.61
N HIS A 59 25.58 -10.39 9.87
CA HIS A 59 26.46 -10.07 8.70
C HIS A 59 25.69 -9.22 7.70
N PHE A 60 24.75 -8.40 8.02
CA PHE A 60 23.99 -7.65 6.95
C PHE A 60 23.34 -6.45 7.50
N ASN A 61 23.10 -5.33 6.88
CA ASN A 61 22.50 -4.17 7.43
C ASN A 61 21.22 -3.80 6.85
N GLY A 62 20.87 -4.25 5.70
CA GLY A 62 19.55 -3.83 5.13
C GLY A 62 19.72 -2.50 4.44
N SER A 63 20.87 -2.18 3.95
CA SER A 63 21.24 -1.03 3.21
C SER A 63 20.43 -0.74 1.93
N GLU A 64 20.22 -1.84 1.19
CA GLU A 64 19.69 -1.75 -0.23
C GLU A 64 18.20 -1.83 -0.32
N THR A 65 17.57 -1.73 0.83
CA THR A 65 16.12 -1.77 0.97
C THR A 65 15.71 -0.44 1.63
N ASP A 66 16.68 0.42 1.83
CA ASP A 66 16.34 1.77 2.33
C ASP A 66 15.44 2.44 1.32
N VAL A 67 14.44 3.20 1.63
CA VAL A 67 13.60 3.79 0.57
C VAL A 67 14.46 4.71 -0.28
N GLU A 68 15.56 5.25 0.24
CA GLU A 68 16.30 6.20 -0.67
C GLU A 68 16.85 5.37 -1.78
N CYS A 69 17.24 4.17 -1.51
CA CYS A 69 17.88 3.30 -2.48
C CYS A 69 16.83 2.77 -3.44
N PHE A 70 15.70 2.42 -2.87
CA PHE A 70 14.60 1.79 -3.65
C PHE A 70 14.11 2.75 -4.72
N LEU A 71 13.95 4.04 -4.42
CA LEU A 71 13.41 4.98 -5.38
C LEU A 71 14.56 5.78 -6.01
N GLY A 72 15.77 5.50 -5.59
CA GLY A 72 16.88 6.34 -6.07
C GLY A 72 17.56 5.96 -7.31
N ARG A 73 17.08 5.20 -8.23
CA ARG A 73 17.87 4.93 -9.52
C ARG A 73 17.04 5.55 -10.61
N ALA A 74 17.62 5.96 -11.68
CA ALA A 74 16.87 6.55 -12.82
C ALA A 74 15.89 5.59 -13.43
N ALA A 75 14.67 5.92 -13.71
CA ALA A 75 13.67 5.09 -14.39
C ALA A 75 13.20 5.86 -15.62
N CYS A 76 12.86 5.19 -16.70
CA CYS A 76 12.36 5.95 -17.91
C CYS A 76 10.96 6.42 -17.58
N VAL A 77 10.70 7.66 -17.71
CA VAL A 77 9.35 8.13 -17.33
C VAL A 77 8.63 8.61 -18.55
N HIS A 78 9.24 8.73 -19.71
CA HIS A 78 8.52 9.37 -20.86
C HIS A 78 9.31 9.23 -22.13
N VAL A 79 8.62 8.86 -23.21
CA VAL A 79 9.34 8.86 -24.51
C VAL A 79 8.52 9.73 -25.45
N THR A 80 9.00 10.72 -26.03
CA THR A 80 8.24 11.57 -26.96
C THR A 80 9.04 11.65 -28.23
N GLU A 81 8.55 12.41 -29.20
CA GLU A 81 9.32 12.59 -30.45
C GLU A 81 8.89 13.88 -31.17
N ILE A 82 9.89 14.49 -31.75
CA ILE A 82 9.81 15.73 -32.51
C ILE A 82 10.57 15.54 -33.81
N GLN A 83 10.26 16.31 -34.87
CA GLN A 83 11.11 16.20 -36.09
C GLN A 83 11.60 17.56 -36.60
N ASN A 84 12.70 17.48 -37.33
CA ASN A 84 13.26 18.71 -37.91
C ASN A 84 12.82 18.59 -39.37
N LYS A 85 12.06 19.52 -39.82
CA LYS A 85 11.63 19.45 -41.27
C LYS A 85 11.22 20.84 -41.66
N ASP A 86 11.05 21.12 -42.94
CA ASP A 86 10.63 22.47 -43.38
C ASP A 86 9.21 22.81 -42.90
N ALA A 87 9.10 23.91 -42.11
CA ALA A 87 7.78 24.19 -41.52
C ALA A 87 6.94 25.00 -42.50
N THR A 88 7.60 25.29 -43.59
CA THR A 88 6.91 26.03 -44.65
C THR A 88 5.59 25.34 -45.01
N GLY A 89 4.54 26.20 -44.87
CA GLY A 89 3.15 25.75 -45.04
C GLY A 89 2.60 24.82 -43.98
N ILE A 90 3.16 24.89 -42.73
CA ILE A 90 2.58 23.89 -41.74
C ILE A 90 1.65 24.75 -40.93
N ASP A 91 0.42 24.24 -40.85
CA ASP A 91 -0.51 25.23 -40.11
C ASP A 91 -0.48 24.96 -38.67
N ASN A 92 0.19 23.87 -38.25
CA ASN A 92 0.07 23.51 -36.79
C ASN A 92 1.32 22.73 -36.40
N HIS A 93 2.27 23.55 -35.93
CA HIS A 93 3.60 23.02 -35.65
C HIS A 93 3.48 21.87 -34.64
N ARG A 94 2.59 22.19 -33.72
CA ARG A 94 2.47 21.24 -32.56
C ARG A 94 2.05 19.92 -33.15
N GLU A 95 1.09 20.06 -34.08
CA GLU A 95 0.60 18.87 -34.72
C GLU A 95 1.57 18.20 -35.65
N ALA A 96 2.56 18.84 -36.19
CA ALA A 96 3.55 18.22 -37.12
C ALA A 96 4.73 17.65 -36.32
N LYS A 97 4.62 17.67 -34.97
CA LYS A 97 5.71 17.35 -34.09
C LYS A 97 6.93 18.28 -34.45
N LEU A 98 6.61 19.50 -34.79
CA LEU A 98 7.72 20.45 -35.03
C LEU A 98 8.38 20.89 -33.74
N PHE A 99 7.88 20.31 -32.71
CA PHE A 99 8.25 20.65 -31.37
C PHE A 99 7.14 20.08 -30.53
N ASN A 100 7.32 18.96 -29.89
CA ASN A 100 6.19 18.43 -29.09
C ASN A 100 6.17 19.09 -27.72
N ASP A 101 5.50 18.40 -26.81
CA ASP A 101 5.36 18.85 -25.40
C ASP A 101 4.87 17.65 -24.56
N TRP A 102 5.02 17.77 -23.26
CA TRP A 102 4.68 16.65 -22.33
C TRP A 102 4.07 17.28 -21.09
N LYS A 103 2.86 16.90 -20.80
CA LYS A 103 2.16 17.39 -19.61
C LYS A 103 2.70 16.51 -18.56
N ILE A 104 3.65 17.07 -17.84
CA ILE A 104 4.51 16.34 -16.87
C ILE A 104 3.79 15.63 -15.78
N ASN A 105 4.40 14.49 -15.56
CA ASN A 105 3.95 13.46 -14.65
C ASN A 105 4.90 12.26 -14.75
N LEU A 106 4.64 11.36 -13.85
CA LEU A 106 5.49 10.23 -13.55
C LEU A 106 4.69 8.96 -13.44
N SER A 107 3.85 8.69 -14.37
CA SER A 107 3.00 7.51 -14.24
C SER A 107 2.34 7.14 -15.52
N SER A 108 3.10 7.26 -16.56
CA SER A 108 2.64 6.93 -17.89
C SER A 108 3.21 5.55 -18.20
N LEU A 109 4.49 5.47 -18.06
CA LEU A 109 5.21 4.19 -18.13
C LEU A 109 5.04 3.63 -16.71
N VAL A 110 4.67 2.37 -16.53
CA VAL A 110 4.32 1.88 -15.14
C VAL A 110 5.43 1.27 -14.21
N GLN A 111 6.57 0.79 -14.68
CA GLN A 111 7.57 0.18 -13.73
C GLN A 111 7.74 1.08 -12.51
N LEU A 112 8.21 2.32 -12.70
CA LEU A 112 8.34 3.24 -11.57
C LEU A 112 7.02 3.46 -10.88
N ARG A 113 5.91 3.55 -11.56
CA ARG A 113 4.61 3.84 -10.90
C ARG A 113 4.28 2.86 -9.83
N LYS A 114 4.38 1.58 -10.07
CA LYS A 114 4.02 0.59 -9.04
C LYS A 114 4.89 0.80 -7.81
N LYS A 115 6.18 1.08 -7.99
CA LYS A 115 7.15 1.34 -6.93
C LYS A 115 6.69 2.52 -6.09
N LEU A 116 6.35 3.66 -6.69
CA LEU A 116 5.94 4.80 -5.90
C LEU A 116 4.63 4.55 -5.16
N GLU A 117 3.76 3.76 -5.77
CA GLU A 117 2.38 3.69 -5.15
C GLU A 117 2.32 2.67 -4.06
N LEU A 118 3.47 2.29 -3.58
CA LEU A 118 3.61 1.40 -2.39
C LEU A 118 3.43 2.28 -1.13
N PHE A 119 3.48 3.59 -1.27
CA PHE A 119 3.38 4.67 -0.34
C PHE A 119 2.21 5.61 -0.71
N THR A 120 1.65 6.32 0.25
CA THR A 120 0.58 7.26 0.01
C THR A 120 1.05 8.64 -0.31
N TYR A 121 2.00 9.20 0.43
CA TYR A 121 2.59 10.54 0.24
C TYR A 121 4.11 10.33 0.05
N VAL A 122 4.69 11.11 -0.78
CA VAL A 122 6.19 10.84 -1.09
C VAL A 122 6.75 12.19 -1.24
N ARG A 123 7.96 12.45 -0.84
CA ARG A 123 8.58 13.80 -0.99
C ARG A 123 10.02 13.56 -1.46
N PHE A 124 10.50 14.22 -2.50
CA PHE A 124 11.85 14.00 -2.99
C PHE A 124 12.26 15.08 -3.95
N ASP A 125 13.55 15.27 -4.21
CA ASP A 125 14.06 16.14 -5.29
C ASP A 125 14.15 15.25 -6.53
N SER A 126 14.12 15.76 -7.70
CA SER A 126 14.19 14.93 -8.90
C SER A 126 15.47 15.21 -9.62
N GLU A 127 16.06 14.18 -10.13
CA GLU A 127 17.19 14.45 -11.04
C GLU A 127 16.73 13.96 -12.40
N TYR A 128 16.62 14.75 -13.44
CA TYR A 128 16.20 14.30 -14.77
C TYR A 128 17.36 13.99 -15.67
N THR A 129 17.37 12.93 -16.42
CA THR A 129 18.42 12.76 -17.51
C THR A 129 17.61 12.72 -18.78
N ILE A 130 17.98 13.38 -19.82
CA ILE A 130 17.19 13.35 -21.08
C ILE A 130 18.07 12.82 -22.18
N LEU A 131 17.81 11.68 -22.72
CA LEU A 131 18.63 11.14 -23.85
C LEU A 131 17.86 11.45 -25.13
N ALA A 132 18.44 11.90 -26.18
CA ALA A 132 17.82 12.23 -27.47
C ALA A 132 18.53 11.50 -28.58
N THR A 133 17.96 10.69 -29.36
CA THR A 133 18.78 10.01 -30.47
C THR A 133 18.12 10.33 -31.75
N ALA A 134 18.83 10.33 -32.88
CA ALA A 134 18.12 10.72 -34.14
C ALA A 134 18.01 9.50 -35.02
N SER A 135 17.02 9.50 -35.84
CA SER A 135 16.67 8.50 -36.83
C SER A 135 16.45 9.23 -38.18
N GLN A 136 16.83 8.55 -39.20
CA GLN A 136 16.63 9.13 -40.59
C GLN A 136 16.06 8.03 -41.45
N PRO A 137 14.80 7.71 -41.21
CA PRO A 137 14.16 6.61 -41.91
C PRO A 137 14.16 6.79 -43.39
N ASP A 138 14.33 7.93 -43.99
CA ASP A 138 14.28 7.81 -45.49
C ASP A 138 15.39 8.59 -46.14
N SER A 139 16.19 7.90 -46.88
CA SER A 139 17.22 8.50 -47.69
C SER A 139 17.75 9.85 -47.30
N ALA A 140 18.93 9.87 -46.70
CA ALA A 140 19.56 11.20 -46.38
C ALA A 140 21.02 11.08 -46.79
N ASN A 141 21.65 12.17 -47.14
CA ASN A 141 23.06 12.08 -47.52
C ASN A 141 23.96 11.86 -46.32
N TYR A 142 23.39 12.39 -45.23
CA TYR A 142 24.06 12.42 -43.97
C TYR A 142 23.13 12.58 -42.80
N SER A 143 23.82 12.53 -41.65
CA SER A 143 23.20 12.70 -40.31
C SER A 143 23.40 14.09 -39.83
N SER A 144 22.39 14.88 -39.62
CA SER A 144 22.83 16.36 -39.32
C SER A 144 23.15 16.54 -37.90
N ASN A 145 23.73 17.64 -37.41
CA ASN A 145 23.83 17.70 -35.93
C ASN A 145 22.99 18.85 -35.40
N LEU A 146 21.94 18.33 -34.78
CA LEU A 146 20.85 19.02 -34.16
C LEU A 146 21.11 19.28 -32.67
N VAL A 147 20.65 20.41 -32.23
CA VAL A 147 20.67 20.81 -30.84
C VAL A 147 19.24 20.80 -30.36
N VAL A 148 18.84 20.10 -29.32
CA VAL A 148 17.49 20.13 -28.77
C VAL A 148 17.34 21.24 -27.77
N GLN A 149 16.26 21.82 -27.53
CA GLN A 149 16.09 22.85 -26.44
C GLN A 149 14.82 22.38 -25.74
N ALA A 150 14.94 21.99 -24.52
CA ALA A 150 13.78 21.50 -23.78
C ALA A 150 13.51 22.48 -22.66
N MET A 151 12.45 23.28 -22.74
CA MET A 151 12.20 24.30 -21.67
C MET A 151 10.97 23.95 -20.82
N TYR A 152 11.03 24.37 -19.56
CA TYR A 152 9.99 24.06 -18.54
C TYR A 152 8.95 25.14 -18.54
N VAL A 153 7.74 24.79 -18.92
CA VAL A 153 6.63 25.77 -18.97
C VAL A 153 5.62 25.54 -17.83
N PRO A 154 5.71 26.23 -16.71
CA PRO A 154 4.74 26.09 -15.61
C PRO A 154 3.37 26.58 -15.98
N PRO A 155 2.41 26.47 -15.08
CA PRO A 155 1.02 26.85 -15.28
C PRO A 155 0.84 28.30 -15.13
N GLY A 156 0.55 28.91 -16.24
CA GLY A 156 0.25 30.34 -16.26
C GLY A 156 1.38 31.02 -16.94
N ALA A 157 1.73 30.43 -18.01
CA ALA A 157 2.88 30.87 -18.77
C ALA A 157 2.63 30.46 -20.18
N PRO A 158 2.86 31.32 -21.14
CA PRO A 158 2.52 31.09 -22.54
C PRO A 158 3.04 29.83 -23.04
N ASN A 159 2.25 29.02 -23.70
CA ASN A 159 2.94 27.90 -24.35
C ASN A 159 3.20 28.31 -25.71
N PRO A 160 4.23 27.76 -26.19
CA PRO A 160 4.72 28.04 -27.45
C PRO A 160 3.69 27.56 -28.37
N LYS A 161 3.63 28.26 -29.45
CA LYS A 161 2.68 27.94 -30.46
C LYS A 161 3.37 27.51 -31.69
N GLU A 162 4.39 28.12 -32.10
CA GLU A 162 5.18 27.64 -33.24
C GLU A 162 6.48 27.15 -32.74
N TRP A 163 7.29 26.53 -33.58
CA TRP A 163 8.57 26.01 -33.08
C TRP A 163 9.54 27.11 -32.93
N ASP A 164 9.14 28.33 -33.32
CA ASP A 164 10.10 29.44 -33.03
C ASP A 164 9.54 30.73 -32.50
N ASP A 165 8.45 30.75 -31.74
CA ASP A 165 7.76 31.70 -30.96
C ASP A 165 8.68 32.54 -30.06
N TYR A 166 8.07 33.57 -29.52
CA TYR A 166 8.87 34.44 -28.56
C TYR A 166 9.07 33.59 -27.32
N THR A 167 8.14 32.67 -27.06
CA THR A 167 8.21 31.78 -25.90
C THR A 167 9.57 31.14 -25.68
N TRP A 168 10.17 30.75 -26.81
CA TRP A 168 11.45 30.02 -26.72
C TRP A 168 12.56 30.89 -26.24
N GLN A 169 12.33 32.17 -26.12
CA GLN A 169 13.35 33.12 -25.61
C GLN A 169 13.69 32.69 -24.18
N SER A 170 12.61 32.26 -23.57
CA SER A 170 12.67 31.66 -22.20
C SER A 170 13.54 32.49 -21.31
N ALA A 171 13.18 33.74 -21.14
CA ALA A 171 13.99 34.69 -20.37
C ALA A 171 13.84 34.49 -18.90
N SER A 172 12.72 33.92 -18.51
CA SER A 172 12.54 33.69 -17.07
C SER A 172 12.36 32.24 -16.78
N ASN A 173 12.34 31.35 -17.65
CA ASN A 173 11.95 29.91 -17.53
C ASN A 173 13.14 29.08 -17.76
N PRO A 174 13.51 28.16 -16.90
CA PRO A 174 14.80 27.43 -17.07
C PRO A 174 14.78 26.64 -18.32
N SER A 175 15.80 26.80 -19.17
CA SER A 175 15.80 25.81 -20.37
C SER A 175 17.19 25.29 -20.56
N VAL A 176 17.42 24.06 -21.06
CA VAL A 176 18.67 23.45 -21.29
C VAL A 176 18.83 23.21 -22.84
N PHE A 177 19.93 23.46 -23.44
CA PHE A 177 20.19 23.16 -24.87
C PHE A 177 21.23 22.04 -24.91
N PHE A 178 21.04 20.93 -25.46
CA PHE A 178 22.07 19.86 -25.58
C PHE A 178 22.04 19.29 -26.97
N LYS A 179 22.94 18.45 -27.37
CA LYS A 179 22.99 17.90 -28.74
C LYS A 179 22.29 16.56 -28.79
N VAL A 180 21.62 16.34 -29.90
CA VAL A 180 21.00 14.98 -30.13
C VAL A 180 22.08 13.93 -29.97
N GLY A 181 21.90 12.82 -29.30
CA GLY A 181 22.97 11.78 -29.20
C GLY A 181 23.64 11.92 -27.85
N ASP A 182 23.61 13.14 -27.35
CA ASP A 182 24.07 13.40 -26.00
C ASP A 182 22.82 13.35 -25.11
N THR A 183 23.08 13.63 -23.89
CA THR A 183 22.26 13.61 -22.72
C THR A 183 22.30 14.88 -21.97
N SER A 184 21.23 15.23 -21.37
CA SER A 184 21.22 16.55 -20.59
C SER A 184 20.87 16.14 -19.19
N ARG A 185 21.31 16.81 -18.18
CA ARG A 185 21.03 16.38 -16.81
C ARG A 185 20.96 17.54 -15.91
N PHE A 186 19.99 17.65 -15.13
CA PHE A 186 19.90 18.78 -14.18
C PHE A 186 18.99 18.29 -13.11
N SER A 187 18.73 19.08 -12.12
CA SER A 187 17.93 18.38 -10.92
C SER A 187 16.99 19.43 -10.49
N VAL A 188 15.80 19.13 -10.13
CA VAL A 188 14.79 20.19 -9.76
C VAL A 188 14.42 19.92 -8.32
N PRO A 189 14.32 20.89 -7.44
CA PRO A 189 13.95 20.72 -6.06
C PRO A 189 12.53 20.16 -5.97
N TYR A 190 12.08 19.72 -4.84
CA TYR A 190 10.67 19.26 -4.69
C TYR A 190 9.72 20.44 -4.91
N VAL A 191 9.04 20.50 -6.08
CA VAL A 191 8.14 21.53 -6.41
C VAL A 191 6.69 21.36 -5.98
N GLY A 192 6.38 20.44 -5.15
CA GLY A 192 4.95 20.26 -4.69
C GLY A 192 4.41 21.46 -3.97
N LEU A 193 3.11 21.71 -4.02
CA LEU A 193 2.50 22.78 -3.30
C LEU A 193 2.36 22.36 -1.82
N ALA A 194 2.10 21.14 -1.49
CA ALA A 194 1.88 20.74 -0.05
C ALA A 194 3.18 20.26 0.55
N SER A 195 3.09 19.44 1.57
CA SER A 195 4.33 19.02 2.28
C SER A 195 4.88 17.80 1.61
N ALA A 196 4.05 17.08 0.89
CA ALA A 196 4.44 15.84 0.18
C ALA A 196 3.62 15.78 -1.12
N TYR A 197 3.95 14.95 -2.05
CA TYR A 197 3.13 14.76 -3.28
C TYR A 197 2.07 13.74 -2.93
N ASN A 198 0.83 13.85 -3.32
CA ASN A 198 -0.02 12.72 -2.95
C ASN A 198 0.16 11.62 -3.97
N CYS A 199 0.13 10.42 -3.50
CA CYS A 199 0.20 9.33 -4.43
C CYS A 199 -1.21 8.97 -4.77
N PHE A 200 -2.05 9.34 -3.89
CA PHE A 200 -3.47 9.06 -3.98
C PHE A 200 -4.21 10.25 -3.39
N TYR A 201 -5.43 10.43 -3.81
CA TYR A 201 -6.19 11.60 -3.27
C TYR A 201 -7.66 11.27 -3.34
N ASP A 202 -8.34 11.03 -2.22
CA ASP A 202 -9.79 10.63 -2.44
C ASP A 202 -10.52 11.92 -2.29
N GLY A 203 -10.37 12.78 -3.32
CA GLY A 203 -11.11 14.10 -3.22
C GLY A 203 -11.35 14.66 -4.62
N TYR A 204 -11.85 15.86 -4.67
CA TYR A 204 -12.18 16.68 -5.81
C TYR A 204 -11.53 18.04 -5.68
N SER A 205 -11.58 18.89 -6.69
CA SER A 205 -10.92 20.18 -6.61
C SER A 205 -11.91 21.15 -5.96
N HIS A 206 -13.14 20.72 -6.02
CA HIS A 206 -14.19 21.53 -5.33
C HIS A 206 -15.43 20.70 -5.30
N ASP A 207 -16.43 21.16 -4.58
CA ASP A 207 -17.63 20.31 -4.47
C ASP A 207 -18.48 20.57 -5.71
N ASP A 208 -18.07 20.13 -6.82
CA ASP A 208 -18.82 20.27 -8.09
C ASP A 208 -19.48 18.92 -8.35
N ALA A 209 -20.55 18.88 -9.07
CA ALA A 209 -21.20 17.58 -9.24
C ALA A 209 -20.53 16.79 -10.35
N GLU A 210 -19.81 17.42 -11.16
CA GLU A 210 -19.27 16.68 -12.34
C GLU A 210 -17.78 16.89 -12.35
N THR A 211 -17.15 17.44 -11.29
CA THR A 211 -15.65 17.66 -11.48
C THR A 211 -14.93 16.35 -11.46
N GLN A 212 -13.71 16.27 -11.98
CA GLN A 212 -12.95 14.97 -12.10
C GLN A 212 -12.58 14.63 -10.63
N TYR A 213 -12.32 13.37 -10.38
CA TYR A 213 -12.00 12.82 -9.03
C TYR A 213 -10.60 12.24 -9.06
N GLY A 214 -9.85 12.28 -7.97
CA GLY A 214 -8.54 11.56 -8.02
C GLY A 214 -7.38 12.52 -7.90
N ILE A 215 -6.21 12.14 -8.37
CA ILE A 215 -5.06 13.02 -8.13
C ILE A 215 -4.64 13.89 -9.35
N THR A 216 -5.21 13.70 -10.52
CA THR A 216 -4.84 14.57 -11.72
C THR A 216 -5.10 16.07 -11.41
N VAL A 217 -5.95 16.26 -10.43
CA VAL A 217 -6.40 17.62 -9.95
C VAL A 217 -5.36 18.37 -9.05
N LEU A 218 -4.54 17.65 -8.30
CA LEU A 218 -3.46 18.27 -7.39
C LEU A 218 -2.20 18.32 -8.15
N ASN A 219 -2.13 17.28 -8.90
CA ASN A 219 -0.95 16.99 -9.63
C ASN A 219 -0.84 17.67 -10.88
N HIS A 220 -0.22 18.77 -10.77
CA HIS A 220 -0.09 19.54 -11.94
C HIS A 220 1.01 20.56 -11.71
N MET A 221 1.86 20.56 -12.69
CA MET A 221 3.06 21.37 -12.69
C MET A 221 3.41 21.70 -14.12
N GLY A 222 2.37 21.78 -14.89
CA GLY A 222 2.48 22.20 -16.27
C GLY A 222 3.35 21.23 -17.03
N SER A 223 3.69 21.60 -18.23
CA SER A 223 4.40 20.66 -19.10
C SER A 223 5.73 21.15 -19.60
N MET A 224 6.54 20.16 -19.81
CA MET A 224 7.85 20.29 -20.40
C MET A 224 7.78 20.34 -21.95
N ALA A 225 8.53 21.26 -22.54
CA ALA A 225 8.46 21.46 -24.03
C ALA A 225 9.82 21.37 -24.77
N PHE A 226 9.83 20.49 -25.77
CA PHE A 226 11.04 20.21 -26.56
C PHE A 226 10.97 20.72 -28.00
N ARG A 227 12.04 21.10 -28.57
CA ARG A 227 12.06 21.48 -30.00
C ARG A 227 13.50 21.33 -30.48
N ILE A 228 13.72 21.32 -31.76
CA ILE A 228 15.11 21.35 -32.35
C ILE A 228 15.43 22.77 -32.65
N VAL A 229 16.68 23.17 -32.42
CA VAL A 229 16.91 24.66 -32.62
C VAL A 229 17.22 24.80 -34.08
N ASN A 230 17.80 23.75 -34.71
CA ASN A 230 18.26 23.84 -36.09
C ASN A 230 17.11 24.12 -37.08
N GLU A 231 17.47 24.88 -38.13
CA GLU A 231 16.52 25.03 -39.25
C GLU A 231 16.65 23.67 -40.00
N HIS A 232 15.86 23.56 -41.06
CA HIS A 232 15.81 22.31 -41.81
C HIS A 232 16.91 22.22 -42.87
N ASP A 233 17.33 20.92 -42.97
CA ASP A 233 18.22 20.48 -44.03
C ASP A 233 17.26 19.92 -45.13
N GLU A 234 17.95 19.37 -46.14
CA GLU A 234 17.14 18.80 -47.25
C GLU A 234 16.43 17.59 -46.76
N HIS A 235 16.95 16.69 -45.95
CA HIS A 235 16.10 15.51 -45.56
C HIS A 235 15.37 15.82 -44.26
N LYS A 236 14.67 14.84 -43.79
CA LYS A 236 13.87 15.02 -42.53
C LYS A 236 14.57 14.25 -41.45
N THR A 237 14.49 14.61 -40.22
CA THR A 237 15.23 13.88 -39.17
C THR A 237 14.24 13.68 -38.00
N LEU A 238 14.14 12.45 -37.58
CA LEU A 238 13.26 12.13 -36.43
C LEU A 238 14.14 12.12 -35.19
N VAL A 239 13.71 12.86 -34.20
CA VAL A 239 14.50 12.88 -32.91
C VAL A 239 13.53 12.35 -31.87
N LYS A 240 13.95 11.37 -31.12
CA LYS A 240 13.02 10.73 -30.13
C LYS A 240 13.65 11.03 -28.76
N ILE A 241 12.85 11.64 -27.90
CA ILE A 241 13.29 12.04 -26.55
C ILE A 241 12.82 11.07 -25.49
N ARG A 242 13.81 10.64 -24.67
CA ARG A 242 13.52 9.77 -23.49
C ARG A 242 13.91 10.52 -22.19
N VAL A 243 12.94 10.74 -21.32
CA VAL A 243 13.17 11.42 -20.05
C VAL A 243 13.33 10.39 -18.95
N TYR A 244 14.40 10.38 -18.21
CA TYR A 244 14.62 9.47 -17.05
C TYR A 244 14.47 10.25 -15.76
N HIS A 245 13.92 9.69 -14.72
CA HIS A 245 13.75 10.42 -13.45
C HIS A 245 14.32 9.62 -12.30
N ARG A 246 15.10 10.21 -11.44
CA ARG A 246 15.72 9.59 -10.25
C ARG A 246 15.32 10.41 -9.02
N ALA A 247 14.72 9.83 -8.07
CA ALA A 247 14.37 10.51 -6.83
C ALA A 247 15.63 10.59 -5.95
N LYS A 248 15.89 11.77 -5.38
CA LYS A 248 17.03 11.90 -4.41
C LYS A 248 16.43 12.66 -3.23
N HIS A 249 16.86 12.25 -2.03
CA HIS A 249 16.38 12.81 -0.75
C HIS A 249 14.97 12.39 -0.50
N VAL A 250 14.69 11.10 -0.55
CA VAL A 250 13.35 10.55 -0.48
C VAL A 250 12.69 10.49 0.86
N GLU A 251 11.45 10.75 0.94
CA GLU A 251 10.75 10.60 2.30
C GLU A 251 9.39 10.01 1.98
N ALA A 252 8.97 8.92 2.56
CA ALA A 252 7.71 8.26 2.14
C ALA A 252 6.84 7.98 3.29
N TRP A 253 5.56 8.18 3.32
CA TRP A 253 4.70 7.89 4.47
C TRP A 253 3.57 6.96 4.08
N ILE A 254 3.10 6.18 5.01
CA ILE A 254 1.96 5.30 4.97
C ILE A 254 1.97 4.25 3.90
N PRO A 255 2.53 3.07 4.16
CA PRO A 255 2.63 1.98 3.14
C PRO A 255 1.26 1.49 2.74
N ARG A 256 1.05 1.02 1.55
CA ARG A 256 -0.27 0.50 1.11
C ARG A 256 -0.09 -0.83 0.43
N ALA A 257 -1.12 -1.53 0.13
CA ALA A 257 -1.12 -2.83 -0.58
C ALA A 257 -0.58 -2.64 -1.98
N PRO A 258 0.27 -3.52 -2.55
CA PRO A 258 0.86 -3.30 -3.87
C PRO A 258 -0.18 -3.34 -4.93
N ARG A 259 0.01 -2.77 -6.11
CA ARG A 259 -0.90 -2.83 -7.21
C ARG A 259 -1.06 -4.24 -7.78
N ALA A 260 -2.24 -4.77 -7.89
CA ALA A 260 -2.43 -6.12 -8.38
C ALA A 260 -2.89 -6.08 -9.82
N LEU A 261 -3.93 -5.33 -10.18
CA LEU A 261 -4.44 -5.31 -11.58
C LEU A 261 -3.65 -4.30 -12.39
N PRO A 262 -3.80 -4.37 -13.69
CA PRO A 262 -3.13 -3.49 -14.64
C PRO A 262 -3.71 -2.11 -14.50
N TYR A 263 -2.99 -1.14 -14.99
CA TYR A 263 -3.37 0.28 -14.96
C TYR A 263 -4.05 0.65 -16.30
N THR A 264 -4.90 1.66 -16.27
CA THR A 264 -5.61 2.06 -17.47
C THR A 264 -5.39 3.51 -17.70
N SER A 265 -5.20 4.30 -16.67
CA SER A 265 -5.14 5.79 -16.82
C SER A 265 -4.14 6.49 -15.96
N ILE A 266 -3.54 7.61 -16.36
CA ILE A 266 -2.69 8.41 -15.47
C ILE A 266 -3.64 8.99 -14.41
N GLY A 267 -3.32 8.69 -13.18
CA GLY A 267 -4.01 9.34 -12.07
C GLY A 267 -5.28 8.76 -11.62
N ARG A 268 -5.74 7.66 -12.21
CA ARG A 268 -6.94 7.06 -11.52
C ARG A 268 -6.53 5.65 -11.23
N THR A 269 -7.18 5.08 -10.28
CA THR A 269 -6.93 3.75 -9.75
C THR A 269 -7.56 2.63 -10.53
N ASN A 270 -8.43 3.04 -11.49
CA ASN A 270 -9.17 2.20 -12.34
C ASN A 270 -8.30 1.05 -13.02
N TYR A 271 -8.92 -0.06 -13.02
CA TYR A 271 -8.41 -1.28 -13.66
C TYR A 271 -9.39 -1.66 -14.80
N PRO A 272 -8.90 -2.41 -15.76
CA PRO A 272 -9.66 -2.83 -16.91
C PRO A 272 -10.72 -3.85 -16.65
N LYS A 273 -11.88 -3.84 -17.37
CA LYS A 273 -12.95 -4.84 -17.14
C LYS A 273 -12.63 -6.19 -17.71
N ASN A 274 -13.21 -7.20 -17.13
CA ASN A 274 -12.81 -8.57 -17.68
C ASN A 274 -11.23 -8.39 -17.84
N THR A 275 -10.73 -8.52 -16.64
CA THR A 275 -9.24 -8.52 -16.44
C THR A 275 -8.91 -9.95 -16.22
N GLU A 276 -7.76 -10.49 -15.92
CA GLU A 276 -7.73 -12.00 -15.64
C GLU A 276 -7.46 -12.26 -14.20
N PRO A 277 -7.79 -13.42 -13.75
CA PRO A 277 -7.51 -13.75 -12.28
C PRO A 277 -6.01 -13.48 -12.10
N VAL A 278 -5.73 -12.79 -11.02
CA VAL A 278 -4.34 -12.39 -10.69
C VAL A 278 -3.77 -13.42 -9.77
N ILE A 279 -4.53 -14.24 -9.07
CA ILE A 279 -3.90 -15.27 -8.21
C ILE A 279 -3.74 -16.55 -9.01
N LYS A 280 -2.64 -17.14 -9.22
CA LYS A 280 -2.38 -18.39 -9.96
C LYS A 280 -3.17 -19.56 -9.39
N LYS A 281 -3.96 -20.20 -10.17
CA LYS A 281 -4.72 -21.37 -9.71
C LYS A 281 -3.79 -22.58 -9.58
N ARG A 282 -4.00 -23.34 -8.52
CA ARG A 282 -3.24 -24.54 -8.31
C ARG A 282 -3.41 -25.54 -9.43
N LYS A 283 -2.31 -26.22 -9.65
CA LYS A 283 -2.54 -27.42 -10.70
C LYS A 283 -2.70 -28.57 -9.76
N GLY A 284 -3.83 -28.81 -9.17
CA GLY A 284 -3.96 -29.89 -8.16
C GLY A 284 -4.81 -29.34 -7.02
N ASP A 285 -4.96 -30.02 -5.96
CA ASP A 285 -5.49 -29.75 -4.76
C ASP A 285 -5.00 -28.67 -3.88
N ILE A 286 -5.84 -28.47 -2.78
CA ILE A 286 -5.24 -27.54 -1.75
C ILE A 286 -3.98 -28.33 -1.19
N LYS A 287 -4.17 -29.66 -1.17
CA LYS A 287 -3.17 -30.53 -0.61
C LYS A 287 -1.93 -30.66 -1.45
N SER A 288 -1.94 -30.22 -2.68
CA SER A 288 -0.76 -30.36 -3.60
C SER A 288 0.52 -29.76 -3.24
N TYR A 289 1.68 -30.23 -3.64
CA TYR A 289 2.93 -29.46 -3.28
C TYR A 289 3.35 -28.54 -4.42
N GLY B 8 -7.37 -7.55 37.61
CA GLY B 8 -8.60 -8.24 36.96
C GLY B 8 -8.90 -7.42 35.68
N TYR B 9 -7.91 -6.55 35.37
CA TYR B 9 -8.16 -5.77 34.07
C TYR B 9 -7.94 -6.79 33.01
N SER B 10 -8.77 -6.80 31.99
CA SER B 10 -8.51 -7.77 30.87
C SER B 10 -8.34 -6.87 29.66
N ASP B 11 -7.71 -7.27 28.67
CA ASP B 11 -7.66 -6.65 27.40
C ASP B 11 -9.04 -6.50 26.75
N ARG B 12 -9.91 -7.37 27.18
CA ARG B 12 -11.23 -7.78 26.96
C ARG B 12 -12.34 -6.83 27.34
N VAL B 13 -12.36 -6.24 28.49
CA VAL B 13 -13.38 -5.26 28.88
C VAL B 13 -12.86 -3.86 28.74
N GLN B 14 -13.60 -2.90 28.28
CA GLN B 14 -13.14 -1.55 28.09
C GLN B 14 -14.26 -0.57 28.18
N GLN B 15 -13.90 0.65 28.50
CA GLN B 15 -14.85 1.74 28.56
C GLN B 15 -14.23 2.94 27.85
N ILE B 16 -14.91 3.55 26.92
CA ILE B 16 -14.41 4.80 26.30
C ILE B 16 -15.40 5.89 26.58
N THR B 17 -15.12 6.93 27.28
CA THR B 17 -16.05 8.01 27.56
C THR B 17 -15.55 9.22 26.77
N LEU B 18 -16.38 9.77 26.00
CA LEU B 18 -15.93 10.90 25.11
C LEU B 18 -17.15 11.79 25.02
N GLY B 19 -17.00 12.92 25.63
CA GLY B 19 -18.01 13.93 25.69
C GLY B 19 -19.05 13.45 26.71
N ASN B 20 -20.19 13.29 26.20
CA ASN B 20 -21.44 13.02 27.01
C ASN B 20 -21.91 11.66 26.68
N SER B 21 -21.00 10.87 26.05
CA SER B 21 -21.32 9.52 25.63
C SER B 21 -20.28 8.46 26.00
N THR B 22 -20.67 7.31 26.45
CA THR B 22 -19.83 6.25 26.86
C THR B 22 -20.18 4.92 26.22
N ILE B 23 -19.21 4.14 25.89
CA ILE B 23 -19.27 2.81 25.31
C ILE B 23 -18.63 1.77 26.21
N THR B 24 -19.21 0.66 26.46
CA THR B 24 -18.57 -0.38 27.27
C THR B 24 -18.54 -1.62 26.37
N THR B 25 -17.47 -2.32 26.32
CA THR B 25 -17.38 -3.60 25.69
C THR B 25 -16.80 -4.60 26.70
N GLN B 26 -17.42 -5.74 26.73
CA GLN B 26 -16.98 -6.81 27.64
C GLN B 26 -16.27 -7.89 26.84
N GLU B 27 -16.03 -7.69 25.58
CA GLU B 27 -15.36 -8.67 24.73
C GLU B 27 -14.54 -8.10 23.62
N ALA B 28 -13.64 -7.23 23.93
CA ALA B 28 -12.75 -6.50 23.08
C ALA B 28 -11.53 -7.36 22.74
N ALA B 29 -10.68 -6.97 21.83
CA ALA B 29 -9.43 -7.58 21.48
C ALA B 29 -8.44 -6.41 21.31
N ASN B 30 -8.16 -5.85 22.48
CA ASN B 30 -7.19 -4.65 22.52
C ASN B 30 -7.77 -3.55 21.63
N ALA B 31 -7.07 -2.61 21.11
CA ALA B 31 -7.55 -1.53 20.26
C ALA B 31 -6.32 -1.09 19.45
N VAL B 32 -6.55 -0.59 18.31
CA VAL B 32 -5.43 -0.21 17.45
C VAL B 32 -5.41 1.32 17.44
N VAL B 33 -4.18 1.81 17.44
CA VAL B 33 -4.02 3.29 17.30
C VAL B 33 -3.17 3.47 16.04
N CYS B 34 -3.80 3.91 14.96
CA CYS B 34 -3.12 4.00 13.69
C CYS B 34 -1.71 4.52 13.76
N TYR B 35 -0.76 3.73 13.24
CA TYR B 35 0.63 4.20 13.08
C TYR B 35 1.16 4.60 14.43
N ALA B 36 0.52 4.00 15.44
CA ALA B 36 0.97 4.23 16.83
C ALA B 36 0.92 5.69 17.20
N GLU B 37 0.10 6.53 16.69
CA GLU B 37 -0.08 7.90 17.06
C GLU B 37 -1.48 8.25 17.44
N TRP B 38 -1.65 8.97 18.46
CA TRP B 38 -2.98 9.36 19.04
C TRP B 38 -3.40 10.66 18.57
N PRO B 39 -4.64 10.96 18.33
CA PRO B 39 -5.05 12.27 17.67
C PRO B 39 -4.50 13.43 18.47
N GLU B 40 -3.99 14.50 18.00
CA GLU B 40 -3.59 15.72 18.70
C GLU B 40 -3.93 16.98 17.91
N TYR B 41 -4.05 18.15 18.52
CA TYR B 41 -4.37 19.37 17.74
C TYR B 41 -3.16 19.79 16.90
N LEU B 42 -3.51 20.83 16.08
CA LEU B 42 -2.52 21.29 15.11
C LEU B 42 -1.56 22.27 15.74
N PRO B 43 -0.33 21.91 15.83
CA PRO B 43 0.72 22.77 16.39
C PRO B 43 1.01 23.98 15.55
N ASP B 44 1.48 25.09 16.14
CA ASP B 44 1.75 26.31 15.41
C ASP B 44 2.87 26.13 14.38
N VAL B 45 3.80 25.32 14.77
CA VAL B 45 5.02 25.17 13.90
C VAL B 45 4.54 24.57 12.57
N ASP B 46 3.43 23.85 12.60
CA ASP B 46 2.86 23.24 11.40
C ASP B 46 1.75 24.03 10.71
N ALA B 47 1.28 25.06 11.31
CA ALA B 47 0.22 25.92 10.87
C ALA B 47 0.59 26.79 9.69
N SER B 48 -0.38 27.14 8.87
CA SER B 48 -0.24 28.01 7.75
C SER B 48 -1.35 29.09 7.74
N ASP B 49 -2.57 28.68 7.68
CA ASP B 49 -3.71 29.65 7.75
C ASP B 49 -3.56 30.49 9.02
N VAL B 50 -3.74 31.82 8.97
CA VAL B 50 -3.48 32.63 10.14
C VAL B 50 -4.67 32.70 11.06
N ASN B 51 -5.74 32.07 10.69
CA ASN B 51 -6.99 32.20 11.49
C ASN B 51 -6.95 31.45 12.78
N LYS B 52 -7.43 32.00 13.82
CA LYS B 52 -7.52 31.24 15.17
C LYS B 52 -8.45 30.12 14.93
N THR B 53 -8.35 28.89 15.33
CA THR B 53 -9.38 27.86 14.98
C THR B 53 -10.44 27.70 16.02
N SER B 54 -11.52 26.96 15.81
CA SER B 54 -12.64 26.87 16.81
C SER B 54 -12.62 25.46 17.33
N LYS B 55 -12.72 25.27 18.61
CA LYS B 55 -12.58 23.82 19.07
C LYS B 55 -13.79 23.54 19.91
N PRO B 56 -14.87 23.12 19.31
CA PRO B 56 -16.15 22.95 19.98
C PRO B 56 -16.02 21.93 21.08
N ASP B 57 -14.92 21.16 21.11
CA ASP B 57 -14.77 20.24 22.20
C ASP B 57 -15.93 19.24 22.33
N THR B 58 -16.50 19.18 23.53
CA THR B 58 -17.45 18.14 23.88
C THR B 58 -18.70 18.13 23.05
N SER B 59 -19.02 19.12 22.33
CA SER B 59 -20.27 19.13 21.54
C SER B 59 -20.03 18.44 20.23
N VAL B 60 -18.85 18.30 19.72
CA VAL B 60 -18.52 17.60 18.53
C VAL B 60 -17.73 16.36 18.88
N CYS B 61 -17.07 16.29 20.02
CA CYS B 61 -16.23 15.06 20.25
C CYS B 61 -16.94 14.07 21.07
N ARG B 62 -18.02 13.53 20.62
CA ARG B 62 -18.85 12.54 21.33
C ARG B 62 -19.09 11.43 20.35
N PHE B 63 -19.84 10.40 20.72
CA PHE B 63 -19.99 9.20 19.83
C PHE B 63 -21.25 9.25 19.03
N TYR B 64 -21.19 9.27 17.73
CA TYR B 64 -22.41 9.14 16.86
C TYR B 64 -22.56 7.70 16.37
N THR B 65 -23.70 7.06 16.62
CA THR B 65 -23.92 5.68 16.10
C THR B 65 -24.63 5.73 14.78
N LEU B 66 -24.01 5.49 13.67
CA LEU B 66 -24.62 5.32 12.37
C LEU B 66 -25.68 4.20 12.37
N ASP B 67 -26.57 4.33 11.38
CA ASP B 67 -27.58 3.26 11.21
C ASP B 67 -27.05 1.90 11.00
N SER B 68 -27.74 0.88 11.50
CA SER B 68 -27.14 -0.49 11.46
C SER B 68 -27.08 -1.29 10.25
N LYS B 69 -26.18 -2.12 9.91
CA LYS B 69 -26.14 -2.98 8.70
C LYS B 69 -26.55 -4.41 9.11
N THR B 70 -26.85 -5.24 8.10
CA THR B 70 -27.23 -6.62 8.34
C THR B 70 -26.36 -7.62 7.60
N TRP B 71 -25.62 -8.35 8.38
CA TRP B 71 -24.63 -9.32 7.81
C TRP B 71 -25.48 -10.55 7.58
N THR B 72 -25.38 -10.95 6.38
CA THR B 72 -26.04 -12.19 5.95
C THR B 72 -24.97 -12.93 5.10
N THR B 73 -25.41 -14.15 4.89
CA THR B 73 -24.49 -15.06 4.23
C THR B 73 -24.11 -14.58 2.89
N GLY B 74 -24.89 -13.69 2.33
CA GLY B 74 -24.45 -13.18 1.03
C GLY B 74 -23.69 -11.89 1.05
N SER B 75 -23.42 -11.33 2.21
CA SER B 75 -22.84 -9.93 2.29
C SER B 75 -21.51 -9.83 1.65
N LYS B 76 -21.16 -8.77 0.97
CA LYS B 76 -19.81 -8.63 0.44
C LYS B 76 -19.00 -7.68 1.31
N GLY B 77 -19.57 -6.69 1.92
CA GLY B 77 -18.74 -5.80 2.83
C GLY B 77 -19.28 -4.41 2.71
N TRP B 78 -18.98 -3.44 3.53
CA TRP B 78 -19.53 -2.05 3.42
C TRP B 78 -18.38 -1.06 3.54
N CYS B 79 -18.54 0.12 3.07
CA CYS B 79 -17.47 1.10 3.10
C CYS B 79 -18.05 2.45 3.44
N TRP B 80 -17.50 3.14 4.43
CA TRP B 80 -17.90 4.49 4.82
C TRP B 80 -16.67 5.42 4.63
N LYS B 81 -16.91 6.65 4.33
CA LYS B 81 -15.79 7.63 4.20
C LYS B 81 -15.89 8.63 5.33
N LEU B 82 -14.78 9.17 5.83
CA LEU B 82 -14.74 10.20 6.90
C LEU B 82 -14.08 11.47 6.34
N PRO B 83 -14.55 12.68 6.65
CA PRO B 83 -15.66 12.93 7.54
C PRO B 83 -17.03 12.76 7.00
N ASP B 84 -17.26 12.29 5.81
CA ASP B 84 -18.58 12.18 5.18
C ASP B 84 -19.65 11.51 6.06
N ALA B 85 -19.41 10.28 6.46
CA ALA B 85 -20.31 9.55 7.29
C ALA B 85 -20.87 10.45 8.36
N LEU B 86 -20.16 11.42 8.83
CA LEU B 86 -20.71 12.24 9.94
C LEU B 86 -21.28 13.54 9.45
N LYS B 87 -21.39 13.87 8.23
CA LYS B 87 -21.81 15.14 7.61
C LYS B 87 -23.11 15.64 8.15
N ASP B 88 -23.91 14.83 8.73
CA ASP B 88 -25.16 15.18 9.33
C ASP B 88 -25.31 14.92 10.79
N MET B 89 -24.26 14.62 11.54
CA MET B 89 -24.42 14.33 12.95
C MET B 89 -24.27 15.60 13.75
N GLY B 90 -25.35 15.98 14.34
CA GLY B 90 -25.42 17.05 15.38
C GLY B 90 -24.62 18.26 14.98
N VAL B 91 -23.95 18.85 15.96
CA VAL B 91 -23.16 20.06 15.69
C VAL B 91 -21.87 19.76 14.94
N PHE B 92 -21.45 18.50 14.85
CA PHE B 92 -20.21 18.17 14.13
C PHE B 92 -20.47 18.60 12.68
N GLY B 93 -21.54 18.05 12.16
CA GLY B 93 -21.97 18.37 10.82
C GLY B 93 -22.18 19.81 10.56
N GLN B 94 -22.74 20.58 11.43
CA GLN B 94 -23.03 22.00 11.11
C GLN B 94 -21.70 22.73 10.87
N ASN B 95 -20.80 22.50 11.81
CA ASN B 95 -19.47 23.11 11.84
C ASN B 95 -18.79 22.84 10.51
N MET B 96 -18.97 21.59 10.08
CA MET B 96 -18.41 21.07 8.85
C MET B 96 -18.82 21.89 7.66
N PHE B 97 -20.12 22.18 7.49
CA PHE B 97 -20.63 22.93 6.35
C PHE B 97 -20.38 24.41 6.43
N PHE B 98 -20.25 24.93 7.62
CA PHE B 98 -20.04 26.30 7.93
C PHE B 98 -18.59 26.69 7.93
N HIS B 99 -17.55 25.92 8.17
CA HIS B 99 -16.19 26.49 8.04
C HIS B 99 -15.55 26.06 6.74
N SER B 100 -14.70 26.86 6.24
CA SER B 100 -13.85 26.65 5.09
C SER B 100 -12.90 25.49 5.28
N LEU B 101 -12.40 25.24 6.43
CA LEU B 101 -11.39 24.19 6.70
C LEU B 101 -11.65 23.51 8.00
N GLY B 102 -11.24 22.32 8.22
CA GLY B 102 -11.57 21.70 9.60
C GLY B 102 -10.53 20.57 9.67
N ARG B 103 -10.43 19.95 10.78
CA ARG B 103 -9.42 18.82 10.90
C ARG B 103 -9.89 17.95 12.03
N SER B 104 -9.67 16.62 11.96
CA SER B 104 -10.18 15.79 13.07
C SER B 104 -9.58 14.42 13.14
N GLY B 105 -9.55 13.76 14.24
CA GLY B 105 -9.11 12.37 14.39
C GLY B 105 -10.40 11.66 14.81
N TYR B 106 -10.45 10.34 14.97
CA TYR B 106 -11.70 9.69 15.38
C TYR B 106 -11.42 8.47 16.22
N THR B 107 -12.40 8.06 17.02
CA THR B 107 -12.37 6.73 17.61
C THR B 107 -13.48 5.94 16.87
N VAL B 108 -13.22 4.86 16.23
CA VAL B 108 -14.21 4.03 15.50
C VAL B 108 -14.47 2.79 16.33
N HIS B 109 -15.70 2.48 16.60
CA HIS B 109 -15.99 1.25 17.45
C HIS B 109 -16.92 0.37 16.66
N VAL B 110 -16.59 -0.70 16.02
CA VAL B 110 -17.55 -1.55 15.24
C VAL B 110 -18.02 -2.70 16.11
N GLN B 111 -19.30 -2.93 16.17
CA GLN B 111 -19.95 -3.89 17.05
C GLN B 111 -20.71 -5.03 16.35
N CYS B 112 -20.46 -6.26 16.77
CA CYS B 112 -21.21 -7.38 16.21
C CYS B 112 -21.22 -8.55 17.16
N ASN B 113 -22.27 -8.81 17.88
CA ASN B 113 -22.24 -9.96 18.85
C ASN B 113 -23.08 -11.14 18.33
N ALA B 114 -22.81 -12.33 18.73
CA ALA B 114 -23.46 -13.56 18.23
C ALA B 114 -23.56 -14.54 19.37
N THR B 115 -23.26 -15.80 19.21
CA THR B 115 -23.25 -16.72 20.40
C THR B 115 -22.08 -17.68 20.19
N LYS B 116 -21.83 -18.58 21.16
CA LYS B 116 -20.67 -19.51 20.97
C LYS B 116 -20.97 -20.60 19.97
N PHE B 117 -22.06 -20.52 19.23
CA PHE B 117 -22.32 -21.56 18.19
C PHE B 117 -22.13 -20.93 16.82
N HIS B 118 -22.14 -19.58 16.76
CA HIS B 118 -21.91 -18.92 15.43
C HIS B 118 -20.45 -18.94 15.06
N SER B 119 -20.10 -18.71 13.82
CA SER B 119 -18.76 -18.59 13.26
C SER B 119 -18.89 -17.42 12.24
N GLY B 120 -17.79 -16.88 11.91
CA GLY B 120 -17.82 -15.71 10.91
C GLY B 120 -16.65 -14.82 11.40
N CYS B 121 -16.09 -14.05 10.54
CA CYS B 121 -14.99 -13.17 10.93
C CYS B 121 -14.97 -11.94 10.08
N LEU B 122 -15.08 -10.72 10.54
CA LEU B 122 -15.11 -9.50 9.72
C LEU B 122 -13.72 -8.86 9.75
N LEU B 123 -13.24 -8.21 8.75
CA LEU B 123 -11.97 -7.42 8.81
C LEU B 123 -12.41 -5.97 9.01
N VAL B 124 -11.97 -5.22 9.93
CA VAL B 124 -12.32 -3.81 10.11
C VAL B 124 -11.07 -3.02 9.78
N VAL B 125 -10.98 -2.25 8.73
CA VAL B 125 -9.70 -1.61 8.35
C VAL B 125 -9.89 -0.17 8.03
N VAL B 126 -8.89 0.65 8.29
CA VAL B 126 -8.97 2.10 7.96
C VAL B 126 -7.98 2.39 6.87
N ILE B 127 -8.36 2.88 5.72
CA ILE B 127 -7.40 3.15 4.62
C ILE B 127 -7.19 4.62 4.38
N PRO B 128 -6.02 5.18 4.69
CA PRO B 128 -5.80 6.62 4.46
C PRO B 128 -5.77 6.81 2.96
N GLU B 129 -6.42 7.85 2.47
CA GLU B 129 -6.57 8.22 1.10
C GLU B 129 -7.04 7.16 0.17
N HIS B 130 -8.11 6.51 0.39
CA HIS B 130 -8.70 5.47 -0.43
C HIS B 130 -9.32 5.95 -1.73
N GLN B 131 -8.58 6.24 -2.73
CA GLN B 131 -9.08 6.74 -4.05
C GLN B 131 -9.73 5.56 -4.74
N LEU B 132 -11.00 5.58 -5.01
CA LEU B 132 -11.77 4.45 -5.59
C LEU B 132 -11.54 4.36 -7.09
N ALA B 133 -11.90 3.27 -7.70
CA ALA B 133 -11.77 3.08 -9.17
C ALA B 133 -13.13 3.09 -9.81
N SER B 134 -13.22 3.56 -11.05
CA SER B 134 -14.51 3.52 -11.79
C SER B 134 -14.67 2.11 -12.29
N HIS B 135 -15.80 1.49 -12.23
CA HIS B 135 -15.96 0.14 -12.85
C HIS B 135 -15.91 0.24 -14.36
N GLU B 136 -16.11 1.38 -14.97
CA GLU B 136 -15.98 1.52 -16.40
C GLU B 136 -14.59 1.27 -16.95
N GLY B 137 -13.57 1.40 -16.18
CA GLY B 137 -12.17 1.24 -16.70
C GLY B 137 -11.69 2.55 -17.30
N GLY B 138 -10.71 2.45 -18.16
CA GLY B 138 -10.20 3.65 -18.87
C GLY B 138 -9.92 4.78 -17.97
N ASN B 139 -10.49 5.92 -18.15
CA ASN B 139 -10.23 7.06 -17.21
C ASN B 139 -11.56 7.68 -16.86
N VAL B 140 -12.55 6.82 -16.76
CA VAL B 140 -13.91 7.28 -16.35
C VAL B 140 -13.75 7.76 -14.90
N SER B 141 -14.38 8.87 -14.54
CA SER B 141 -14.19 9.33 -13.11
C SER B 141 -15.27 8.75 -12.24
N VAL B 142 -15.25 8.92 -10.95
CA VAL B 142 -16.27 8.45 -10.03
C VAL B 142 -16.93 9.74 -9.52
N LYS B 143 -18.16 10.00 -9.88
CA LYS B 143 -18.80 11.24 -9.48
C LYS B 143 -18.93 11.31 -7.92
N TYR B 144 -18.89 12.56 -7.51
CA TYR B 144 -18.95 13.13 -6.19
C TYR B 144 -19.96 12.42 -5.31
N THR B 145 -21.16 12.56 -5.73
CA THR B 145 -22.23 11.83 -4.99
C THR B 145 -21.84 10.42 -4.72
N PHE B 146 -21.29 9.73 -5.66
CA PHE B 146 -20.93 8.33 -5.38
C PHE B 146 -19.91 8.13 -4.33
N THR B 147 -19.04 9.03 -4.05
CA THR B 147 -18.01 8.89 -3.06
C THR B 147 -18.43 9.69 -1.83
N HIS B 148 -19.64 10.08 -1.72
CA HIS B 148 -20.12 10.80 -0.55
C HIS B 148 -21.46 10.23 -0.10
N PRO B 149 -21.53 8.90 0.08
CA PRO B 149 -22.72 8.23 0.49
C PRO B 149 -23.26 8.69 1.79
N GLY B 150 -22.54 9.41 2.60
CA GLY B 150 -23.16 9.85 3.91
C GLY B 150 -23.21 8.61 4.80
N GLU B 151 -24.11 8.68 5.74
CA GLU B 151 -24.15 7.68 6.86
C GLU B 151 -24.46 6.36 6.29
N ARG B 152 -25.08 6.29 5.15
CA ARG B 152 -25.45 5.03 4.49
C ARG B 152 -24.24 4.23 4.08
N GLY B 153 -23.18 4.92 3.71
CA GLY B 153 -21.92 4.26 3.28
C GLY B 153 -22.19 3.60 1.94
N ILE B 154 -21.32 2.88 1.41
CA ILE B 154 -21.36 2.18 0.16
C ILE B 154 -21.55 0.70 0.44
N ASP B 155 -22.40 -0.02 -0.25
CA ASP B 155 -22.66 -1.43 0.00
C ASP B 155 -22.08 -2.17 -1.22
N LEU B 156 -21.00 -2.80 -0.88
CA LEU B 156 -20.22 -3.56 -1.86
C LEU B 156 -21.00 -4.67 -2.48
N SER B 157 -22.22 -4.89 -2.12
CA SER B 157 -22.94 -6.03 -2.80
C SER B 157 -24.10 -5.41 -3.56
N SER B 158 -24.12 -4.09 -3.61
CA SER B 158 -25.10 -3.35 -4.41
C SER B 158 -24.62 -3.43 -5.86
N ALA B 159 -25.42 -3.01 -6.79
CA ALA B 159 -25.02 -3.09 -8.23
C ALA B 159 -24.17 -1.96 -8.74
N ASN B 160 -23.37 -2.24 -9.79
CA ASN B 160 -22.62 -1.08 -10.38
C ASN B 160 -23.63 -0.01 -10.74
N GLU B 161 -23.29 1.23 -10.53
CA GLU B 161 -24.22 2.33 -11.01
C GLU B 161 -23.36 3.23 -11.89
N VAL B 162 -23.98 4.25 -12.45
CA VAL B 162 -23.17 4.96 -13.54
C VAL B 162 -22.54 6.13 -12.90
N GLY B 163 -21.23 6.16 -12.90
CA GLY B 163 -20.57 7.35 -12.29
C GLY B 163 -20.16 7.00 -10.87
N GLY B 164 -20.55 5.79 -10.53
CA GLY B 164 -20.18 5.24 -9.21
C GLY B 164 -18.86 4.45 -9.35
N PRO B 165 -18.33 4.02 -8.20
CA PRO B 165 -17.12 3.22 -8.12
C PRO B 165 -17.40 1.75 -8.42
N VAL B 166 -16.38 0.97 -8.61
CA VAL B 166 -16.49 -0.51 -8.79
C VAL B 166 -16.72 -1.11 -7.42
N LYS B 167 -17.39 -2.25 -7.26
CA LYS B 167 -17.63 -2.71 -5.85
C LYS B 167 -17.13 -4.10 -5.63
N ASP B 168 -16.19 -4.52 -6.39
CA ASP B 168 -15.54 -5.84 -6.38
C ASP B 168 -14.72 -6.03 -5.15
N VAL B 169 -14.99 -6.76 -4.15
CA VAL B 169 -14.18 -6.95 -2.97
C VAL B 169 -12.77 -7.53 -3.18
N LEU B 170 -12.51 -8.59 -3.94
CA LEU B 170 -11.08 -9.10 -3.96
C LEU B 170 -10.21 -7.93 -4.43
N TYR B 171 -10.67 -6.80 -4.88
CA TYR B 171 -9.76 -5.72 -5.30
C TYR B 171 -9.82 -4.44 -4.52
N ASN B 172 -10.36 -4.35 -3.31
CA ASN B 172 -10.38 -3.20 -2.47
C ASN B 172 -10.95 -1.97 -3.18
N MET B 173 -11.72 -2.10 -4.23
CA MET B 173 -12.24 -0.92 -4.93
C MET B 173 -11.12 -0.08 -5.55
N ASN B 174 -9.94 -0.67 -5.75
CA ASN B 174 -8.86 0.08 -6.39
C ASN B 174 -7.78 -0.72 -7.06
N GLY B 175 -7.82 -1.96 -7.40
CA GLY B 175 -6.74 -2.58 -8.10
C GLY B 175 -5.71 -3.16 -7.17
N THR B 176 -6.04 -3.38 -5.94
CA THR B 176 -5.08 -4.10 -4.98
C THR B 176 -5.77 -5.27 -4.38
N LEU B 177 -5.11 -6.27 -3.87
CA LEU B 177 -5.82 -7.48 -3.39
C LEU B 177 -6.28 -7.42 -1.96
N LEU B 178 -7.48 -7.91 -1.65
CA LEU B 178 -8.08 -7.95 -0.33
C LEU B 178 -7.06 -8.47 0.69
N GLY B 179 -6.41 -9.54 0.41
CA GLY B 179 -5.38 -10.09 1.26
C GLY B 179 -4.39 -9.14 1.79
N ASN B 180 -4.01 -8.04 1.16
CA ASN B 180 -2.99 -7.12 1.63
C ASN B 180 -3.48 -5.91 2.32
N LEU B 181 -4.68 -5.85 2.69
CA LEU B 181 -5.31 -4.71 3.36
C LEU B 181 -4.78 -4.70 4.79
N LEU B 182 -4.18 -5.80 5.15
CA LEU B 182 -3.64 -5.98 6.51
C LEU B 182 -2.46 -5.04 6.69
N ILE B 183 -1.87 -4.48 5.60
CA ILE B 183 -0.82 -3.47 5.86
C ILE B 183 -1.46 -2.19 6.45
N PHE B 184 -2.77 -1.97 6.37
CA PHE B 184 -3.42 -0.79 6.98
C PHE B 184 -3.86 -1.09 8.41
N PRO B 185 -3.88 -0.07 9.29
CA PRO B 185 -4.33 -0.31 10.70
C PRO B 185 -5.61 -1.09 10.64
N HIS B 186 -5.73 -2.20 11.27
CA HIS B 186 -7.01 -2.94 11.16
C HIS B 186 -7.15 -3.85 12.34
N GLN B 187 -8.31 -4.43 12.44
CA GLN B 187 -8.55 -5.41 13.65
C GLN B 187 -9.57 -6.37 13.15
N PHE B 188 -9.69 -7.61 13.54
CA PHE B 188 -10.68 -8.58 13.03
C PHE B 188 -11.79 -8.67 14.07
N ILE B 189 -12.98 -9.06 13.75
CA ILE B 189 -14.05 -9.36 14.74
C ILE B 189 -14.31 -10.87 14.49
N ASN B 190 -13.82 -11.76 15.25
CA ASN B 190 -14.02 -13.25 14.97
C ASN B 190 -15.03 -13.69 16.07
N LEU B 191 -16.23 -14.02 15.63
CA LEU B 191 -17.34 -14.26 16.58
C LEU B 191 -16.85 -15.07 17.73
N ARG B 192 -15.97 -16.00 17.47
CA ARG B 192 -15.48 -16.87 18.53
C ARG B 192 -14.58 -16.16 19.51
N THR B 193 -14.06 -14.98 19.31
CA THR B 193 -13.11 -14.31 20.13
C THR B 193 -13.59 -13.00 20.71
N ASN B 194 -13.77 -12.07 19.94
CA ASN B 194 -14.11 -10.76 19.71
C ASN B 194 -15.53 -10.38 19.53
N ASN B 195 -16.05 -9.22 19.85
CA ASN B 195 -17.45 -8.82 19.51
C ASN B 195 -17.40 -7.37 19.06
N THR B 196 -16.31 -6.68 19.31
CA THR B 196 -16.11 -5.31 18.80
C THR B 196 -14.70 -5.20 18.27
N ALA B 197 -14.43 -4.12 17.58
CA ALA B 197 -13.17 -3.67 16.98
C ALA B 197 -13.09 -2.17 17.31
N THR B 198 -11.99 -1.64 17.74
CA THR B 198 -11.85 -0.21 18.03
C THR B 198 -10.53 0.27 17.43
N ILE B 199 -10.59 1.32 16.66
CA ILE B 199 -9.38 1.88 16.04
C ILE B 199 -9.36 3.36 16.35
N VAL B 200 -8.28 3.94 16.81
CA VAL B 200 -8.15 5.41 17.04
C VAL B 200 -7.39 5.93 15.85
N ILE B 201 -7.92 6.91 15.16
CA ILE B 201 -7.33 7.48 13.93
C ILE B 201 -6.83 8.91 14.17
N PRO B 202 -5.53 9.10 14.06
CA PRO B 202 -4.92 10.42 14.14
C PRO B 202 -5.19 11.11 12.82
N TYR B 203 -5.13 12.36 12.65
CA TYR B 203 -5.37 13.10 11.41
C TYR B 203 -4.25 12.86 10.44
N ILE B 204 -4.40 12.30 9.27
CA ILE B 204 -3.28 12.01 8.33
C ILE B 204 -3.46 12.75 7.05
N ASN B 205 -2.71 13.72 6.71
CA ASN B 205 -2.87 14.50 5.45
C ASN B 205 -1.52 15.07 5.07
N SER B 206 -1.38 15.61 3.85
CA SER B 206 -0.16 16.21 3.34
C SER B 206 -0.26 17.76 3.50
N VAL B 207 -1.35 18.22 4.03
CA VAL B 207 -1.53 19.62 4.40
C VAL B 207 -2.01 19.69 5.83
N PRO B 208 -1.76 20.82 6.50
CA PRO B 208 -2.07 20.90 7.92
C PRO B 208 -3.53 20.88 8.29
N ILE B 209 -4.38 21.27 7.42
CA ILE B 209 -5.83 21.38 7.57
C ILE B 209 -6.35 21.42 6.11
N ASP B 210 -7.52 20.96 5.90
CA ASP B 210 -8.05 20.82 4.54
C ASP B 210 -9.51 21.11 4.49
N SER B 211 -10.14 20.91 3.38
CA SER B 211 -11.60 21.11 3.28
C SER B 211 -12.28 19.85 3.72
N MET B 212 -13.36 19.90 4.46
CA MET B 212 -14.00 18.64 4.91
C MET B 212 -14.94 18.13 3.89
N THR B 213 -15.29 18.89 2.89
CA THR B 213 -16.30 18.42 1.94
C THR B 213 -15.64 18.00 0.69
N ARG B 214 -14.61 18.58 0.16
CA ARG B 214 -14.10 18.07 -1.16
C ARG B 214 -13.15 16.96 -0.96
N HIS B 215 -12.79 16.60 0.24
CA HIS B 215 -11.79 15.48 0.36
C HIS B 215 -12.01 14.63 1.58
N ASN B 216 -12.17 13.34 1.45
CA ASN B 216 -12.38 12.44 2.58
C ASN B 216 -10.98 11.90 2.89
N ASN B 217 -10.62 11.75 4.13
CA ASN B 217 -9.23 11.35 4.37
C ASN B 217 -9.14 9.95 4.83
N VAL B 218 -10.17 9.20 5.12
CA VAL B 218 -10.01 7.74 5.41
C VAL B 218 -11.32 7.08 4.95
N SER B 219 -11.20 5.85 4.57
CA SER B 219 -12.49 5.07 4.36
C SER B 219 -12.37 4.01 5.49
N LEU B 220 -13.40 3.76 6.16
CA LEU B 220 -13.50 2.68 7.17
C LEU B 220 -14.10 1.55 6.35
N MET B 221 -13.68 0.36 6.41
CA MET B 221 -14.25 -0.74 5.60
C MET B 221 -14.53 -1.92 6.50
N VAL B 222 -15.70 -2.48 6.49
CA VAL B 222 -15.98 -3.71 7.31
C VAL B 222 -16.25 -4.79 6.25
N ILE B 223 -15.50 -5.85 6.18
CA ILE B 223 -15.65 -6.92 5.14
C ILE B 223 -15.78 -8.27 5.71
N PRO B 224 -16.87 -8.99 5.48
CA PRO B 224 -16.94 -10.41 6.01
C PRO B 224 -15.84 -11.18 5.28
N ILE B 225 -15.03 -11.95 5.88
CA ILE B 225 -13.99 -12.77 5.24
C ILE B 225 -14.32 -14.25 5.48
N ALA B 226 -14.51 -14.68 6.70
CA ALA B 226 -15.00 -16.06 6.92
C ALA B 226 -16.53 -15.76 7.03
N PRO B 227 -17.26 -16.34 6.11
CA PRO B 227 -18.71 -16.21 6.01
C PRO B 227 -19.41 -16.46 7.31
N LEU B 228 -20.56 -15.79 7.46
CA LEU B 228 -21.34 -15.97 8.72
C LEU B 228 -21.94 -17.36 8.69
N THR B 229 -21.83 -18.08 9.75
CA THR B 229 -22.47 -19.43 9.80
C THR B 229 -23.28 -19.56 11.04
N VAL B 230 -24.62 -19.51 10.96
CA VAL B 230 -25.39 -19.58 12.23
C VAL B 230 -25.71 -21.00 12.64
N PRO B 231 -25.95 -21.16 13.93
CA PRO B 231 -26.35 -22.49 14.45
C PRO B 231 -27.63 -22.87 13.73
N THR B 232 -27.93 -24.14 13.78
CA THR B 232 -29.03 -24.77 13.14
C THR B 232 -30.38 -24.19 13.53
N GLY B 233 -31.02 -23.89 12.36
CA GLY B 233 -32.36 -23.21 12.52
C GLY B 233 -32.26 -21.90 13.28
N ALA B 234 -31.10 -21.27 13.20
CA ALA B 234 -30.99 -19.90 13.78
C ALA B 234 -31.40 -19.00 12.63
N THR B 235 -31.79 -17.79 12.94
CA THR B 235 -31.95 -16.85 11.83
C THR B 235 -30.59 -16.65 11.17
N PRO B 236 -30.62 -16.66 9.94
CA PRO B 236 -29.32 -16.53 9.21
C PRO B 236 -28.84 -15.14 9.12
N SER B 237 -28.90 -14.30 10.12
CA SER B 237 -28.17 -12.97 9.92
C SER B 237 -27.88 -12.34 11.25
N LEU B 238 -26.95 -11.40 11.29
CA LEU B 238 -26.59 -10.61 12.52
C LEU B 238 -26.52 -9.16 12.12
N PRO B 239 -26.89 -8.21 12.93
CA PRO B 239 -26.70 -6.75 12.57
C PRO B 239 -25.27 -6.38 12.88
N ILE B 240 -24.70 -5.47 12.20
CA ILE B 240 -23.34 -4.92 12.53
C ILE B 240 -23.59 -3.43 12.85
N THR B 241 -23.17 -2.85 13.91
CA THR B 241 -23.38 -1.40 14.14
C THR B 241 -22.11 -0.63 14.13
N VAL B 242 -22.01 0.53 13.54
CA VAL B 242 -20.72 1.31 13.58
C VAL B 242 -20.94 2.55 14.42
N THR B 243 -20.23 2.82 15.50
CA THR B 243 -20.36 4.11 16.27
C THR B 243 -19.06 4.83 16.11
N ILE B 244 -18.97 6.04 15.74
CA ILE B 244 -17.76 6.84 15.51
C ILE B 244 -17.76 8.19 16.23
N ALA B 245 -16.63 8.57 16.85
CA ALA B 245 -16.55 9.87 17.56
C ALA B 245 -15.46 10.75 17.07
N PRO B 246 -15.72 11.91 16.55
CA PRO B 246 -14.64 12.86 16.21
C PRO B 246 -13.87 13.13 17.49
N MET B 247 -12.56 13.34 17.31
CA MET B 247 -11.71 13.64 18.52
C MET B 247 -10.63 14.61 18.04
N CYS B 248 -10.37 15.56 18.96
CA CYS B 248 -9.57 16.74 18.78
C CYS B 248 -10.03 17.55 17.55
N THR B 249 -11.25 17.75 17.28
CA THR B 249 -11.70 18.49 16.11
C THR B 249 -11.44 19.94 16.19
N GLU B 250 -11.03 20.54 15.07
CA GLU B 250 -10.79 22.01 14.98
C GLU B 250 -11.39 22.50 13.63
N PHE B 251 -12.03 23.61 13.70
CA PHE B 251 -12.62 24.18 12.46
C PHE B 251 -12.01 25.54 12.29
N SER B 252 -11.85 25.98 11.10
CA SER B 252 -11.27 27.32 10.83
C SER B 252 -11.80 27.88 9.54
N GLY B 253 -11.85 29.22 9.48
CA GLY B 253 -12.35 29.93 8.27
C GLY B 253 -13.85 29.82 8.16
N ILE B 254 -14.57 30.43 9.09
CA ILE B 254 -16.00 30.43 9.19
C ILE B 254 -16.58 31.49 8.24
N ARG B 255 -17.76 31.16 7.79
CA ARG B 255 -18.45 31.99 6.79
C ARG B 255 -19.87 31.53 6.51
N SER B 256 -20.15 31.51 5.24
CA SER B 256 -21.48 31.38 4.75
C SER B 256 -21.95 30.00 4.76
N LYS B 257 -21.31 28.92 4.70
CA LYS B 257 -22.10 27.61 4.69
C LYS B 257 -22.15 26.98 3.29
N SER B 258 -21.31 26.00 3.05
CA SER B 258 -21.10 25.36 1.82
C SER B 258 -22.40 24.74 1.31
N ILE B 259 -22.46 24.76 -0.02
CA ILE B 259 -23.63 24.06 -0.72
C ILE B 259 -23.03 22.93 -1.53
N VAL B 260 -23.38 21.68 -1.29
CA VAL B 260 -22.55 20.67 -2.11
C VAL B 260 -23.52 19.91 -2.96
N PRO B 261 -23.04 19.40 -4.09
CA PRO B 261 -23.83 18.61 -4.94
C PRO B 261 -24.68 17.58 -4.17
N GLN B 262 -25.87 17.53 -4.78
CA GLN B 262 -26.98 16.62 -4.59
C GLN B 262 -27.58 16.72 -3.22
N GLY C 1 45.46 26.38 -16.96
CA GLY C 1 44.97 24.95 -17.40
C GLY C 1 45.48 23.63 -16.97
N LEU C 2 44.88 22.86 -16.03
CA LEU C 2 45.37 21.62 -15.47
C LEU C 2 45.27 20.41 -16.36
N PRO C 3 46.32 19.65 -16.68
CA PRO C 3 46.26 18.51 -17.62
C PRO C 3 45.45 17.35 -17.14
N THR C 4 44.52 16.79 -17.88
CA THR C 4 43.66 15.68 -17.58
C THR C 4 43.75 14.62 -18.68
N THR C 5 43.24 13.45 -18.39
CA THR C 5 43.10 12.31 -19.29
C THR C 5 41.73 11.69 -19.17
N THR C 6 40.91 11.44 -20.17
CA THR C 6 39.55 10.87 -19.76
C THR C 6 39.57 9.42 -19.84
N LEU C 7 38.86 8.70 -18.95
CA LEU C 7 38.93 7.20 -18.96
C LEU C 7 37.74 6.60 -19.75
N PRO C 8 37.89 5.30 -19.98
CA PRO C 8 36.81 4.53 -20.59
C PRO C 8 35.59 4.80 -19.73
N GLY C 9 34.42 4.99 -20.27
CA GLY C 9 33.17 5.16 -19.52
C GLY C 9 32.75 6.62 -19.55
N SER C 10 33.68 7.48 -19.95
CA SER C 10 33.29 8.91 -20.02
C SER C 10 32.04 9.03 -20.89
N GLY C 11 31.22 9.97 -20.55
CA GLY C 11 29.97 10.20 -21.19
C GLY C 11 28.95 9.14 -20.99
N GLN C 12 29.13 8.07 -20.33
CA GLN C 12 28.03 7.06 -20.24
C GLN C 12 26.98 7.52 -19.28
N PHE C 13 25.79 7.04 -19.36
CA PHE C 13 24.67 7.30 -18.37
C PHE C 13 24.32 5.96 -17.70
N LEU C 14 24.61 5.80 -16.45
CA LEU C 14 24.34 4.52 -15.73
C LEU C 14 23.16 4.78 -14.85
N THR C 15 22.00 4.19 -14.99
CA THR C 15 20.81 4.66 -14.22
C THR C 15 21.02 4.58 -12.75
N THR C 16 22.03 3.93 -12.24
CA THR C 16 22.32 3.65 -10.83
C THR C 16 23.40 4.39 -10.16
N ASP C 17 24.06 5.34 -10.83
CA ASP C 17 25.16 6.12 -10.36
C ASP C 17 24.56 7.23 -9.50
N ASP C 18 25.30 7.89 -8.64
CA ASP C 18 24.71 8.94 -7.77
C ASP C 18 25.63 10.14 -7.69
N ARG C 19 25.37 11.16 -8.45
CA ARG C 19 26.24 12.33 -8.50
C ARG C 19 25.46 13.64 -8.35
N GLN C 20 26.23 14.76 -8.34
CA GLN C 20 25.60 16.09 -8.20
C GLN C 20 25.19 16.64 -9.56
N SER C 21 24.26 17.50 -9.65
CA SER C 21 23.73 18.13 -10.82
C SER C 21 23.39 19.56 -10.51
N PRO C 22 23.45 20.37 -11.51
CA PRO C 22 22.96 21.79 -11.30
C PRO C 22 21.46 21.79 -11.03
N SER C 23 20.98 22.65 -10.13
CA SER C 23 19.52 22.81 -9.93
C SER C 23 18.96 23.73 -11.02
N ALA C 24 17.90 23.33 -11.70
CA ALA C 24 17.23 24.16 -12.69
C ALA C 24 16.53 25.37 -12.06
N LEU C 25 16.06 25.30 -10.89
CA LEU C 25 15.39 26.27 -10.09
C LEU C 25 16.31 26.78 -8.93
N PRO C 26 17.25 27.61 -9.31
CA PRO C 26 18.18 28.19 -8.33
C PRO C 26 17.31 29.06 -7.41
N ASN C 27 17.58 28.85 -6.16
CA ASN C 27 17.07 29.56 -5.04
C ASN C 27 15.67 29.43 -4.53
N TYR C 28 15.00 28.51 -5.05
CA TYR C 28 13.60 28.17 -4.79
C TYR C 28 13.47 27.57 -3.41
N GLU C 29 12.48 27.86 -2.70
CA GLU C 29 12.24 27.38 -1.37
C GLU C 29 11.12 26.44 -1.23
N PRO C 30 11.42 25.16 -0.97
CA PRO C 30 10.34 24.12 -0.91
C PRO C 30 9.36 24.31 0.21
N THR C 31 8.14 23.79 0.12
CA THR C 31 7.16 23.89 1.20
C THR C 31 7.69 23.22 2.43
N PRO C 32 7.44 23.80 3.58
CA PRO C 32 7.90 23.25 4.88
C PRO C 32 7.40 21.85 5.07
N ARG C 33 8.07 20.99 5.77
CA ARG C 33 7.45 19.62 5.99
C ARG C 33 6.50 19.72 7.17
N ILE C 34 5.38 19.09 7.24
CA ILE C 34 4.57 19.11 8.50
C ILE C 34 4.70 17.67 9.00
N HIS C 35 4.13 17.28 10.08
CA HIS C 35 4.33 15.89 10.58
C HIS C 35 3.32 14.97 9.98
N ILE C 36 3.60 13.80 9.58
CA ILE C 36 2.49 12.92 9.00
C ILE C 36 2.74 11.61 9.71
N PRO C 37 1.84 10.94 10.36
CA PRO C 37 2.12 9.62 10.98
C PRO C 37 2.51 8.65 9.88
N GLY C 38 3.12 7.52 10.13
CA GLY C 38 3.40 6.51 9.20
C GLY C 38 4.59 6.48 8.39
N LYS C 39 5.69 7.13 8.66
CA LYS C 39 6.88 7.18 7.78
C LYS C 39 7.51 5.82 7.69
N VAL C 40 7.89 5.45 6.45
CA VAL C 40 8.57 4.14 6.18
C VAL C 40 10.03 4.40 5.92
N HIS C 41 10.97 3.68 6.45
CA HIS C 41 12.34 3.93 6.07
C HIS C 41 12.91 2.76 5.28
N ASN C 42 12.62 1.55 5.61
CA ASN C 42 13.20 0.39 4.95
C ASN C 42 12.09 -0.52 4.46
N LEU C 43 12.26 -1.18 3.36
CA LEU C 43 11.19 -2.14 2.96
C LEU C 43 11.20 -3.27 4.02
N LEU C 44 12.29 -3.37 4.75
CA LEU C 44 12.40 -4.45 5.78
C LEU C 44 11.43 -4.10 6.88
N GLU C 45 11.04 -2.83 7.01
CA GLU C 45 10.11 -2.54 8.11
C GLU C 45 8.74 -3.12 7.82
N ILE C 46 8.31 -2.97 6.57
CA ILE C 46 6.97 -3.40 6.22
C ILE C 46 6.81 -4.87 5.98
N ILE C 47 7.78 -5.63 5.46
CA ILE C 47 7.56 -7.08 5.25
C ILE C 47 7.43 -7.83 6.57
N GLN C 48 7.51 -7.18 7.73
CA GLN C 48 7.27 -7.86 9.01
C GLN C 48 5.82 -7.76 9.42
N VAL C 49 5.02 -6.97 8.76
CA VAL C 49 3.54 -6.96 9.02
C VAL C 49 2.95 -8.16 8.31
N ASP C 50 2.11 -8.95 8.97
CA ASP C 50 1.61 -10.17 8.25
C ASP C 50 0.39 -9.78 7.42
N THR C 51 0.23 -10.49 6.34
CA THR C 51 -0.90 -10.39 5.41
C THR C 51 -1.34 -11.82 5.07
N LEU C 52 -2.55 -11.94 4.64
CA LEU C 52 -3.26 -13.17 4.33
C LEU C 52 -2.68 -13.83 3.07
N ILE C 53 -2.60 -15.12 3.02
CA ILE C 53 -2.17 -15.93 1.89
C ILE C 53 -3.35 -16.59 1.20
N PRO C 54 -3.54 -16.39 -0.08
CA PRO C 54 -4.67 -17.09 -0.77
C PRO C 54 -4.26 -18.54 -0.89
N MET C 55 -4.26 -19.32 0.17
CA MET C 55 -3.81 -20.68 0.18
C MET C 55 -4.66 -21.64 -0.63
N ASN C 56 -5.95 -21.43 -0.61
CA ASN C 56 -6.99 -22.13 -1.27
C ASN C 56 -7.18 -21.73 -2.73
N ASN C 57 -6.13 -21.41 -3.42
CA ASN C 57 -5.92 -21.30 -4.77
C ASN C 57 -6.65 -22.10 -5.84
N THR C 58 -7.41 -23.04 -5.53
CA THR C 58 -8.11 -23.97 -6.33
C THR C 58 -9.25 -23.39 -7.06
N HIS C 59 -9.60 -22.15 -6.82
CA HIS C 59 -10.71 -21.61 -7.65
C HIS C 59 -10.20 -21.28 -9.05
N THR C 60 -11.20 -20.80 -9.79
CA THR C 60 -11.02 -20.47 -11.18
C THR C 60 -11.06 -19.03 -11.55
N LYS C 61 -11.49 -18.17 -10.67
CA LYS C 61 -11.43 -16.68 -10.88
C LYS C 61 -11.06 -16.15 -9.49
N ASP C 62 -10.44 -15.03 -9.27
CA ASP C 62 -10.01 -14.64 -7.92
C ASP C 62 -11.26 -14.47 -7.03
N GLU C 63 -11.27 -15.06 -5.88
CA GLU C 63 -12.42 -14.93 -4.96
C GLU C 63 -11.99 -14.92 -3.52
N VAL C 64 -12.84 -14.34 -2.63
CA VAL C 64 -12.54 -14.17 -1.22
C VAL C 64 -12.34 -15.53 -0.59
N ASN C 65 -12.52 -16.54 -1.31
CA ASN C 65 -12.69 -17.88 -0.81
C ASN C 65 -11.45 -18.66 -0.89
N SER C 66 -10.53 -17.96 -1.54
CA SER C 66 -9.21 -18.70 -1.76
C SER C 66 -8.30 -18.29 -0.63
N TYR C 67 -8.87 -17.45 0.26
CA TYR C 67 -8.16 -17.07 1.47
C TYR C 67 -8.60 -18.05 2.57
N LEU C 68 -9.68 -18.78 2.35
CA LEU C 68 -10.22 -19.67 3.37
C LEU C 68 -9.77 -21.11 3.19
N ILE C 69 -9.05 -21.66 4.16
CA ILE C 69 -8.66 -23.09 4.19
C ILE C 69 -9.75 -23.83 4.92
N PRO C 70 -10.46 -24.75 4.30
CA PRO C 70 -11.61 -25.40 4.99
C PRO C 70 -11.12 -26.53 5.86
N LEU C 71 -11.89 -26.84 6.86
CA LEU C 71 -11.64 -27.90 7.83
C LEU C 71 -12.93 -28.75 7.89
N ASN C 72 -12.83 -30.05 7.95
CA ASN C 72 -13.95 -30.96 8.04
C ASN C 72 -14.12 -31.58 9.38
N ALA C 73 -15.29 -31.59 10.03
CA ALA C 73 -15.42 -32.26 11.37
C ALA C 73 -15.21 -33.75 11.29
N ASN C 74 -14.87 -34.34 12.40
CA ASN C 74 -14.57 -35.73 12.45
C ASN C 74 -13.65 -36.33 11.47
N ARG C 75 -12.73 -35.75 10.78
CA ARG C 75 -11.74 -36.58 9.98
C ARG C 75 -10.53 -36.79 10.93
N GLN C 76 -9.85 -37.82 10.83
CA GLN C 76 -8.72 -38.26 11.69
C GLN C 76 -7.49 -38.31 10.81
N ASN C 77 -6.30 -38.49 11.26
CA ASN C 77 -5.10 -38.67 10.48
C ASN C 77 -4.93 -37.90 9.23
N GLU C 78 -5.78 -37.25 8.57
CA GLU C 78 -5.71 -36.66 7.21
C GLU C 78 -5.05 -35.38 6.98
N GLN C 79 -4.86 -34.89 5.75
CA GLN C 79 -4.09 -33.68 5.49
C GLN C 79 -4.88 -32.46 5.15
N VAL C 80 -4.67 -31.32 5.85
CA VAL C 80 -5.41 -30.08 5.65
C VAL C 80 -4.95 -29.27 4.45
N PHE C 81 -3.71 -29.15 4.16
CA PHE C 81 -3.25 -28.32 2.99
C PHE C 81 -1.78 -28.65 2.74
N GLY C 82 -1.19 -28.17 1.69
CA GLY C 82 0.26 -28.47 1.42
C GLY C 82 0.67 -27.34 0.46
N THR C 83 1.88 -26.98 0.41
CA THR C 83 2.45 -26.01 -0.48
C THR C 83 3.98 -26.08 -0.45
N ASN C 84 4.62 -25.74 -1.55
CA ASN C 84 6.13 -25.68 -1.41
C ASN C 84 6.45 -24.27 -0.87
N LEU C 85 7.71 -24.00 -0.63
CA LEU C 85 8.00 -22.63 -0.10
C LEU C 85 8.75 -21.85 -1.14
N PHE C 86 8.16 -21.64 -2.27
CA PHE C 86 8.84 -20.71 -3.26
C PHE C 86 8.10 -19.40 -2.97
N ILE C 87 8.66 -18.60 -2.05
CA ILE C 87 8.02 -17.35 -1.67
C ILE C 87 7.84 -16.40 -2.83
N GLY C 88 8.51 -16.60 -3.93
CA GLY C 88 8.29 -15.65 -5.04
C GLY C 88 7.29 -16.13 -6.06
N ASP C 89 6.54 -17.15 -5.79
CA ASP C 89 5.65 -17.74 -6.74
C ASP C 89 4.47 -18.38 -6.14
N GLY C 90 3.49 -18.85 -6.94
CA GLY C 90 2.44 -19.66 -6.27
C GLY C 90 1.64 -19.03 -5.21
N VAL C 91 1.25 -19.64 -4.11
CA VAL C 91 0.38 -18.92 -3.11
C VAL C 91 0.98 -17.62 -2.62
N PHE C 92 2.25 -17.59 -2.28
CA PHE C 92 2.97 -16.48 -1.71
C PHE C 92 3.04 -15.26 -2.57
N LYS C 93 2.98 -15.48 -3.83
CA LYS C 93 3.29 -14.43 -4.82
C LYS C 93 2.54 -13.16 -4.76
N THR C 94 1.32 -13.06 -4.32
CA THR C 94 0.48 -11.86 -4.31
C THR C 94 0.45 -11.23 -2.93
N THR C 95 0.97 -11.96 -1.96
CA THR C 95 1.04 -11.43 -0.59
C THR C 95 2.04 -10.28 -0.59
N LEU C 96 1.99 -9.42 0.40
CA LEU C 96 2.93 -8.29 0.49
C LEU C 96 4.36 -8.77 0.53
N LEU C 97 4.61 -9.86 1.25
CA LEU C 97 5.92 -10.45 1.36
C LEU C 97 6.36 -10.90 -0.05
N GLY C 98 5.50 -11.68 -0.64
CA GLY C 98 5.81 -12.21 -1.97
C GLY C 98 6.09 -11.09 -2.96
N GLU C 99 5.31 -10.06 -2.81
CA GLU C 99 5.27 -8.90 -3.71
C GLU C 99 6.51 -8.08 -3.59
N ILE C 100 7.13 -8.00 -2.42
CA ILE C 100 8.36 -7.24 -2.19
C ILE C 100 9.60 -8.06 -2.52
N VAL C 101 9.59 -9.30 -2.15
CA VAL C 101 10.66 -10.27 -2.44
C VAL C 101 10.98 -10.24 -3.92
N GLN C 102 9.97 -10.01 -4.69
CA GLN C 102 10.06 -9.97 -6.15
C GLN C 102 10.80 -8.75 -6.60
N TYR C 103 11.00 -7.72 -5.79
CA TYR C 103 11.85 -6.59 -6.22
C TYR C 103 13.29 -6.97 -5.96
N TYR C 104 13.57 -8.10 -5.35
CA TYR C 104 15.03 -8.40 -5.10
C TYR C 104 15.38 -9.73 -5.67
N THR C 105 16.66 -9.97 -5.93
CA THR C 105 17.09 -11.25 -6.46
C THR C 105 17.33 -12.36 -5.48
N HIS C 106 17.82 -12.09 -4.32
CA HIS C 106 18.21 -13.07 -3.28
C HIS C 106 17.49 -12.82 -1.98
N TRP C 107 17.17 -13.82 -1.21
CA TRP C 107 16.53 -13.58 0.12
C TRP C 107 17.22 -14.56 1.07
N SER C 108 17.21 -14.30 2.34
CA SER C 108 17.71 -15.26 3.34
C SER C 108 16.96 -14.93 4.61
N GLY C 109 16.76 -15.83 5.56
CA GLY C 109 16.03 -15.46 6.76
C GLY C 109 14.93 -16.37 7.20
N SER C 110 14.35 -15.99 8.41
CA SER C 110 13.21 -16.94 8.79
C SER C 110 11.88 -16.40 8.42
N LEU C 111 10.88 -17.21 8.16
CA LEU C 111 9.52 -16.76 7.77
C LEU C 111 8.58 -17.04 8.94
N ARG C 112 7.55 -16.19 9.04
CA ARG C 112 6.62 -16.58 10.16
C ARG C 112 5.31 -16.90 9.51
N PHE C 113 4.82 -18.12 9.65
CA PHE C 113 3.52 -18.58 9.08
C PHE C 113 2.51 -18.78 10.17
N SER C 114 1.46 -18.10 10.32
CA SER C 114 0.48 -18.29 11.41
C SER C 114 -0.88 -18.64 10.84
N LEU C 115 -1.73 -19.25 11.59
CA LEU C 115 -3.08 -19.72 11.19
C LEU C 115 -4.05 -19.16 12.21
N MET C 116 -5.08 -18.47 11.84
CA MET C 116 -6.05 -18.00 12.93
C MET C 116 -7.30 -18.85 12.76
N TYR C 117 -7.82 -19.48 13.78
CA TYR C 117 -9.02 -20.34 13.66
C TYR C 117 -10.30 -19.53 13.80
N THR C 118 -11.32 -19.81 12.96
CA THR C 118 -12.57 -19.06 12.97
C THR C 118 -13.81 -19.87 13.32
N GLY C 119 -13.68 -21.15 13.65
CA GLY C 119 -14.84 -22.01 14.02
C GLY C 119 -15.57 -21.58 15.26
N PRO C 120 -16.81 -22.08 15.44
CA PRO C 120 -17.57 -21.70 16.68
C PRO C 120 -16.65 -21.89 17.89
N ALA C 121 -16.89 -21.01 18.87
CA ALA C 121 -16.21 -21.11 20.13
C ALA C 121 -16.39 -22.45 20.85
N LEU C 122 -17.49 -23.15 20.77
CA LEU C 122 -17.74 -24.42 21.47
C LEU C 122 -17.20 -25.64 20.71
N SER C 123 -16.38 -25.42 19.67
CA SER C 123 -15.77 -26.55 18.96
C SER C 123 -14.33 -26.75 19.44
N SER C 124 -13.63 -27.74 18.95
CA SER C 124 -12.23 -27.90 19.44
C SER C 124 -11.44 -28.59 18.38
N ALA C 125 -10.15 -28.55 18.36
CA ALA C 125 -9.41 -29.25 17.26
C ALA C 125 -7.95 -29.26 17.64
N LYS C 126 -7.18 -30.19 17.15
CA LYS C 126 -5.72 -30.22 17.32
C LYS C 126 -5.15 -30.54 15.90
N LEU C 127 -4.35 -29.61 15.41
CA LEU C 127 -3.69 -29.70 14.16
C LEU C 127 -2.18 -29.75 14.34
N ILE C 128 -1.49 -30.32 13.40
CA ILE C 128 0.01 -30.32 13.40
C ILE C 128 0.51 -29.56 12.16
N LEU C 129 1.37 -28.59 12.27
CA LEU C 129 1.90 -27.92 11.08
C LEU C 129 3.36 -28.45 10.94
N ALA C 130 3.80 -28.75 9.77
CA ALA C 130 5.15 -29.32 9.64
C ALA C 130 5.87 -28.57 8.55
N TYR C 131 7.12 -28.20 8.76
CA TYR C 131 8.04 -27.61 7.80
C TYR C 131 8.99 -28.74 7.37
N THR C 132 9.18 -29.01 6.13
CA THR C 132 10.09 -30.13 5.70
C THR C 132 11.29 -29.48 5.03
N PRO C 133 12.46 -29.55 5.56
CA PRO C 133 13.64 -28.83 4.99
C PRO C 133 14.05 -29.50 3.69
N PRO C 134 14.71 -28.76 2.87
CA PRO C 134 15.04 -29.14 1.48
C PRO C 134 15.69 -30.47 1.45
N GLY C 135 15.42 -31.32 0.44
CA GLY C 135 16.14 -32.61 0.46
C GLY C 135 15.24 -33.78 0.51
N ALA C 136 14.07 -33.62 1.05
CA ALA C 136 13.04 -34.73 1.11
C ALA C 136 11.86 -34.31 0.27
N ARG C 137 10.91 -35.13 -0.05
CA ARG C 137 9.71 -34.78 -0.80
C ARG C 137 8.66 -34.15 0.11
N GLY C 138 7.66 -33.56 -0.52
CA GLY C 138 6.51 -33.03 0.38
C GLY C 138 6.04 -34.33 1.09
N PRO C 139 5.84 -34.21 2.39
CA PRO C 139 5.41 -35.40 3.17
C PRO C 139 4.07 -35.86 2.59
N GLN C 140 3.91 -37.13 2.63
CA GLN C 140 2.74 -37.85 2.21
C GLN C 140 1.80 -38.32 3.25
N ASP C 141 2.08 -38.29 4.48
CA ASP C 141 1.21 -38.68 5.60
C ASP C 141 1.88 -38.04 6.83
N ARG C 142 1.14 -37.88 7.87
CA ARG C 142 1.60 -37.17 9.10
C ARG C 142 2.82 -37.85 9.64
N ARG C 143 2.93 -39.16 9.38
CA ARG C 143 4.07 -39.82 10.09
C ARG C 143 5.31 -39.20 9.45
N GLU C 144 5.16 -39.13 8.16
CA GLU C 144 6.31 -38.59 7.43
C GLU C 144 6.49 -37.16 7.83
N ALA C 145 5.37 -36.44 7.99
CA ALA C 145 5.44 -34.98 8.24
C ALA C 145 6.02 -34.67 9.61
N MET C 146 5.61 -35.42 10.58
CA MET C 146 5.95 -35.16 11.99
C MET C 146 7.42 -35.36 12.24
N LEU C 147 8.24 -35.91 11.38
CA LEU C 147 9.68 -36.10 11.65
C LEU C 147 10.53 -34.85 11.34
N GLY C 148 9.99 -33.76 10.95
CA GLY C 148 10.64 -32.52 10.58
C GLY C 148 10.03 -31.45 11.50
N THR C 149 10.33 -30.20 11.23
CA THR C 149 9.92 -29.07 12.07
C THR C 149 8.43 -29.06 12.18
N HIS C 150 7.92 -29.08 13.37
CA HIS C 150 6.41 -29.16 13.45
C HIS C 150 5.94 -28.53 14.73
N VAL C 151 4.71 -28.15 14.91
CA VAL C 151 4.09 -27.59 16.10
C VAL C 151 2.72 -28.26 16.30
N VAL C 152 2.43 -28.91 17.39
CA VAL C 152 1.00 -29.38 17.57
C VAL C 152 0.24 -28.16 18.02
N TRP C 153 -0.74 -27.74 17.32
CA TRP C 153 -1.53 -26.52 17.67
C TRP C 153 -2.76 -26.88 18.43
N ASP C 154 -3.07 -26.39 19.57
CA ASP C 154 -4.34 -26.86 20.26
C ASP C 154 -5.26 -25.67 20.13
N ILE C 155 -6.36 -25.81 19.49
CA ILE C 155 -7.32 -24.64 19.23
C ILE C 155 -7.96 -24.27 20.50
N GLY C 156 -7.77 -23.00 20.91
CA GLY C 156 -8.33 -22.60 22.20
C GLY C 156 -8.78 -21.15 22.14
N LEU C 157 -8.73 -20.60 23.34
CA LEU C 157 -9.08 -19.22 23.59
C LEU C 157 -8.22 -18.33 22.75
N GLN C 158 -6.98 -18.55 22.82
CA GLN C 158 -5.92 -17.97 21.94
C GLN C 158 -6.13 -18.57 20.56
N SER C 159 -6.56 -17.63 19.69
CA SER C 159 -7.07 -17.98 18.37
C SER C 159 -6.05 -18.29 17.32
N THR C 160 -4.87 -17.69 17.33
CA THR C 160 -3.82 -17.89 16.34
C THR C 160 -2.62 -18.63 16.83
N ILE C 161 -1.91 -19.31 16.00
CA ILE C 161 -0.73 -20.05 16.23
C ILE C 161 0.31 -19.50 15.20
N VAL C 162 1.47 -19.22 15.64
CA VAL C 162 2.54 -18.70 14.85
C VAL C 162 3.63 -19.73 14.67
N MET C 163 3.77 -20.31 13.53
CA MET C 163 4.80 -21.25 13.22
C MET C 163 5.95 -20.47 12.57
N THR C 164 7.13 -20.78 12.87
CA THR C 164 8.32 -20.07 12.21
C THR C 164 8.96 -21.01 11.29
N ILE C 165 9.30 -20.70 10.09
CA ILE C 165 10.10 -21.69 9.22
C ILE C 165 11.52 -21.27 9.45
N PRO C 166 12.21 -21.85 10.40
CA PRO C 166 13.62 -21.37 10.67
C PRO C 166 14.47 -21.52 9.47
N TRP C 167 15.39 -20.61 9.21
CA TRP C 167 16.30 -20.69 8.06
C TRP C 167 17.18 -21.98 8.14
N THR C 168 16.83 -22.97 7.33
CA THR C 168 17.61 -24.18 7.18
C THR C 168 18.29 -24.19 5.83
N SER C 169 19.60 -23.98 5.78
CA SER C 169 20.25 -23.87 4.48
C SER C 169 21.72 -24.06 4.49
N GLY C 170 22.23 -24.61 3.40
CA GLY C 170 23.69 -24.77 3.24
C GLY C 170 24.16 -23.34 2.82
N VAL C 171 23.87 -22.99 1.59
CA VAL C 171 24.10 -21.73 0.92
C VAL C 171 23.37 -20.66 1.74
N GLN C 172 24.00 -19.53 1.94
CA GLN C 172 23.39 -18.46 2.77
C GLN C 172 22.42 -17.61 2.08
N PHE C 173 22.18 -17.73 0.83
CA PHE C 173 21.09 -16.97 0.13
C PHE C 173 20.43 -17.91 -0.85
N ARG C 174 19.21 -17.69 -1.08
CA ARG C 174 18.39 -18.43 -2.06
C ARG C 174 17.91 -17.41 -3.08
N TYR C 175 17.55 -17.90 -4.21
CA TYR C 175 16.91 -17.13 -5.33
C TYR C 175 15.44 -16.78 -4.97
N THR C 176 14.90 -15.56 -5.19
CA THR C 176 13.45 -15.36 -4.97
C THR C 176 12.66 -16.03 -6.09
N ASP C 177 13.18 -15.97 -7.27
CA ASP C 177 12.51 -16.68 -8.44
C ASP C 177 12.83 -18.13 -8.24
N PRO C 178 11.90 -19.02 -8.42
CA PRO C 178 12.09 -20.43 -7.96
C PRO C 178 13.25 -21.03 -8.67
N ASP C 179 14.08 -21.66 -7.85
CA ASP C 179 15.29 -22.36 -8.35
C ASP C 179 15.53 -23.62 -7.54
N THR C 180 16.02 -24.67 -8.16
CA THR C 180 16.14 -25.95 -7.49
C THR C 180 17.17 -26.05 -6.40
N TYR C 181 18.38 -25.71 -6.79
CA TYR C 181 19.55 -25.90 -5.92
C TYR C 181 19.25 -25.19 -4.59
N THR C 182 18.73 -24.00 -4.81
CA THR C 182 18.28 -23.01 -3.89
C THR C 182 16.91 -23.24 -3.33
N SER C 183 16.35 -24.43 -3.34
CA SER C 183 14.90 -24.53 -2.94
C SER C 183 14.70 -24.62 -1.48
N ALA C 184 13.60 -24.20 -0.85
CA ALA C 184 13.47 -24.20 0.57
C ALA C 184 12.69 -25.20 1.30
N GLY C 185 12.05 -26.17 0.72
CA GLY C 185 11.20 -27.13 1.49
C GLY C 185 9.72 -27.10 1.20
N PHE C 186 8.94 -27.68 2.06
CA PHE C 186 7.54 -27.77 1.98
C PHE C 186 6.92 -27.45 3.34
N LEU C 187 5.66 -27.09 3.24
CA LEU C 187 4.91 -26.78 4.52
C LEU C 187 3.66 -27.60 4.47
N SER C 188 3.29 -28.45 5.37
CA SER C 188 2.02 -29.21 5.29
C SER C 188 1.28 -29.07 6.59
N CYS C 189 0.03 -29.49 6.69
CA CYS C 189 -0.76 -29.38 7.98
C CYS C 189 -1.73 -30.56 7.99
N TRP C 190 -1.92 -31.28 9.10
CA TRP C 190 -2.73 -32.49 9.19
C TRP C 190 -3.55 -32.47 10.42
N TYR C 191 -4.61 -33.21 10.53
CA TYR C 191 -5.36 -33.31 11.82
C TYR C 191 -4.50 -34.05 12.81
N GLN C 192 -4.38 -33.59 14.03
CA GLN C 192 -3.54 -34.25 15.06
C GLN C 192 -4.48 -35.19 15.82
N THR C 193 -5.64 -34.63 16.08
CA THR C 193 -6.74 -35.49 16.60
C THR C 193 -7.86 -35.20 15.58
N SER C 194 -8.61 -34.15 15.72
CA SER C 194 -9.65 -33.93 14.64
C SER C 194 -10.51 -32.79 15.01
N LEU C 195 -11.23 -32.11 14.12
CA LEU C 195 -12.10 -30.97 14.52
C LEU C 195 -13.39 -31.53 15.09
N ILE C 196 -13.96 -30.99 16.10
CA ILE C 196 -15.24 -31.55 16.70
C ILE C 196 -16.24 -30.47 16.81
N LEU C 197 -17.40 -30.46 16.21
CA LEU C 197 -18.29 -29.23 16.33
C LEU C 197 -19.27 -29.46 17.46
N PRO C 198 -19.74 -28.42 18.10
CA PRO C 198 -20.77 -28.62 19.16
C PRO C 198 -22.06 -29.00 18.50
N PRO C 199 -23.02 -29.48 19.27
CA PRO C 199 -24.37 -29.73 18.82
C PRO C 199 -24.97 -28.49 18.14
N GLU C 200 -25.96 -28.73 17.30
CA GLU C 200 -26.73 -27.64 16.69
C GLU C 200 -25.86 -26.89 15.72
N THR C 201 -24.74 -27.45 15.39
CA THR C 201 -23.78 -26.76 14.50
C THR C 201 -23.42 -27.60 13.34
N THR C 202 -23.11 -26.98 12.21
CA THR C 202 -22.74 -27.89 11.07
C THR C 202 -21.95 -27.34 9.95
N GLY C 203 -21.36 -28.30 9.20
CA GLY C 203 -20.57 -27.82 8.05
C GLY C 203 -19.12 -27.61 8.24
N GLN C 204 -18.54 -26.80 7.33
CA GLN C 204 -17.10 -26.56 7.32
C GLN C 204 -16.73 -25.35 8.19
N VAL C 205 -15.56 -25.42 8.75
CA VAL C 205 -15.07 -24.18 9.50
C VAL C 205 -13.84 -23.77 8.71
N TYR C 206 -13.38 -22.52 8.78
CA TYR C 206 -12.17 -22.20 8.03
C TYR C 206 -11.07 -21.62 8.87
N LEU C 207 -9.85 -21.80 8.45
CA LEU C 207 -8.67 -21.18 9.04
C LEU C 207 -8.27 -20.01 8.06
N LEU C 208 -7.86 -18.90 8.56
CA LEU C 208 -7.22 -17.86 7.77
C LEU C 208 -5.71 -18.06 7.92
N SER C 209 -4.91 -17.82 6.92
CA SER C 209 -3.43 -18.04 7.17
C SER C 209 -2.67 -16.80 6.80
N PHE C 210 -1.67 -16.37 7.58
CA PHE C 210 -0.89 -15.17 7.21
C PHE C 210 0.57 -15.49 6.93
N ILE C 211 1.33 -14.62 6.28
CA ILE C 211 2.78 -14.75 6.16
C ILE C 211 3.44 -13.35 6.34
N SER C 212 4.50 -13.29 7.05
CA SER C 212 5.39 -12.16 7.28
C SER C 212 6.82 -12.67 7.53
N ALA C 213 7.81 -11.84 7.44
CA ALA C 213 9.21 -12.22 7.59
C ALA C 213 9.71 -12.00 8.98
N CYS C 214 10.55 -12.81 9.52
CA CYS C 214 11.18 -12.58 10.86
C CYS C 214 12.20 -11.47 10.72
N PRO C 215 12.70 -10.97 11.85
CA PRO C 215 13.62 -9.85 11.88
C PRO C 215 14.97 -10.25 11.37
N ASP C 216 15.30 -11.40 11.10
CA ASP C 216 16.27 -12.29 10.62
C ASP C 216 16.60 -12.08 9.17
N PHE C 217 15.56 -11.73 8.43
CA PHE C 217 15.43 -11.62 7.00
C PHE C 217 16.37 -10.71 6.28
N LYS C 218 16.87 -11.04 5.16
CA LYS C 218 17.71 -10.20 4.29
C LYS C 218 17.24 -10.36 2.86
N LEU C 219 17.23 -9.35 2.10
CA LEU C 219 16.82 -9.29 0.68
C LEU C 219 17.97 -8.49 0.00
N ARG C 220 18.42 -8.81 -1.13
CA ARG C 220 19.46 -8.05 -1.80
C ARG C 220 19.41 -8.20 -3.29
N LEU C 221 20.12 -7.30 -3.99
CA LEU C 221 20.26 -7.18 -5.41
C LEU C 221 18.91 -6.89 -6.10
N MET C 222 18.59 -5.63 -6.05
CA MET C 222 17.28 -5.16 -6.61
C MET C 222 17.21 -5.40 -8.11
N LYS C 223 16.03 -5.68 -8.54
CA LYS C 223 15.67 -5.90 -9.92
C LYS C 223 14.17 -5.60 -10.13
N ASP C 224 13.77 -5.79 -11.35
CA ASP C 224 12.42 -5.49 -11.82
C ASP C 224 11.45 -6.62 -11.57
N THR C 225 10.20 -6.32 -11.30
CA THR C 225 9.24 -7.36 -10.88
C THR C 225 8.53 -7.89 -12.11
N GLN C 226 8.29 -9.18 -12.11
CA GLN C 226 7.50 -9.81 -13.16
C GLN C 226 6.03 -9.45 -12.87
N THR C 227 5.74 -8.85 -11.76
CA THR C 227 4.34 -8.58 -11.47
C THR C 227 3.71 -7.43 -12.09
N ILE C 228 4.26 -6.73 -13.03
CA ILE C 228 3.64 -5.57 -13.69
C ILE C 228 4.26 -5.22 -15.00
N SER C 229 3.41 -4.97 -15.98
CA SER C 229 3.98 -4.69 -17.36
C SER C 229 2.99 -3.82 -18.12
N GLN C 230 3.29 -3.54 -19.37
CA GLN C 230 2.35 -2.61 -20.06
C GLN C 230 2.66 -2.69 -21.52
N THR C 231 1.69 -2.27 -22.35
CA THR C 231 1.96 -2.29 -23.80
C THR C 231 1.95 -0.89 -24.34
N VAL C 232 1.23 0.04 -23.86
CA VAL C 232 1.46 1.45 -24.46
C VAL C 232 1.51 2.40 -23.32
N ALA C 233 2.12 3.57 -23.53
CA ALA C 233 2.18 4.47 -22.32
C ALA C 233 0.75 4.86 -21.94
N LEU C 234 0.48 5.00 -20.67
CA LEU C 234 -0.87 5.49 -20.28
C LEU C 234 -0.92 6.98 -20.55
N THR C 235 -2.13 7.49 -20.59
CA THR C 235 -2.37 8.97 -20.70
C THR C 235 -3.46 9.38 -19.73
N GLU C 236 -3.74 10.69 -19.69
CA GLU C 236 -4.74 11.19 -18.67
C GLU C 236 -6.13 10.96 -19.25
N ILE D 29 32.49 16.95 -1.23
CA ILE D 29 32.46 18.37 -1.72
C ILE D 29 31.28 18.78 -2.57
N ASN D 30 30.44 19.67 -2.10
CA ASN D 30 29.30 20.03 -3.01
C ASN D 30 29.82 21.04 -3.98
N TYR D 31 29.64 20.91 -5.27
CA TYR D 31 30.08 21.96 -6.21
C TYR D 31 29.03 23.02 -6.49
N TYR D 32 27.84 22.71 -6.03
CA TYR D 32 26.66 23.51 -6.33
C TYR D 32 26.03 24.07 -5.08
N LYS D 33 25.33 25.19 -5.28
CA LYS D 33 24.78 25.96 -4.21
C LYS D 33 23.52 25.46 -3.58
N ASP D 34 22.64 24.85 -4.34
CA ASP D 34 21.32 24.44 -3.86
C ASP D 34 21.31 23.07 -3.29
N ALA D 35 20.42 22.75 -2.34
CA ALA D 35 20.48 21.40 -1.74
C ALA D 35 19.94 20.34 -2.66
N ALA D 36 19.17 20.71 -3.65
CA ALA D 36 18.52 19.67 -4.46
C ALA D 36 19.62 19.10 -5.33
N SER D 37 20.75 19.81 -5.26
CA SER D 37 21.67 19.36 -6.38
C SER D 37 22.61 18.35 -5.87
N THR D 38 22.53 18.03 -4.61
CA THR D 38 23.45 17.05 -3.96
C THR D 38 23.03 15.64 -4.28
N SER D 39 23.95 14.71 -4.04
CA SER D 39 23.66 13.31 -4.45
C SER D 39 22.74 12.71 -3.39
N SER D 40 22.49 11.43 -3.65
CA SER D 40 21.47 10.65 -2.90
C SER D 40 21.77 10.75 -1.42
N ALA D 41 20.73 10.53 -0.61
CA ALA D 41 20.85 10.68 0.81
C ALA D 41 21.58 9.73 1.65
N GLY D 42 22.01 8.52 1.57
CA GLY D 42 22.65 7.98 2.96
C GLY D 42 21.53 7.28 3.70
N GLN D 43 21.91 6.13 4.38
CA GLN D 43 20.86 5.19 4.88
C GLN D 43 20.32 5.54 6.26
N SER D 44 18.96 5.72 6.14
CA SER D 44 18.14 6.08 7.25
C SER D 44 18.76 5.45 8.52
N LEU D 45 18.95 4.14 8.18
CA LEU D 45 19.47 3.38 9.42
C LEU D 45 18.53 3.82 10.59
N SER D 46 17.16 3.98 10.10
CA SER D 46 16.21 4.29 11.21
C SER D 46 15.54 3.00 11.62
N MET D 47 14.62 2.47 10.83
CA MET D 47 14.07 1.14 11.10
C MET D 47 13.35 0.87 12.38
N ASP D 48 12.04 0.99 12.40
CA ASP D 48 11.20 0.71 13.53
C ASP D 48 9.81 0.26 13.08
N PRO D 49 9.70 -1.03 12.95
CA PRO D 49 8.48 -1.61 12.40
C PRO D 49 7.37 -1.51 13.39
N SER D 50 7.53 -1.17 14.58
CA SER D 50 6.39 -1.25 15.53
C SER D 50 5.30 -0.33 15.11
N LYS D 51 5.45 0.74 14.43
CA LYS D 51 4.22 1.52 14.10
C LYS D 51 3.29 0.71 13.21
N PHE D 52 3.81 -0.19 12.44
CA PHE D 52 3.11 -1.08 11.52
C PHE D 52 2.83 -2.41 12.15
N THR D 53 3.71 -3.01 12.88
CA THR D 53 3.47 -4.39 13.39
C THR D 53 2.80 -4.48 14.74
N GLU D 54 2.80 -3.48 15.56
CA GLU D 54 2.22 -3.48 16.86
C GLU D 54 1.60 -2.16 17.22
N PRO D 55 0.64 -1.70 16.42
CA PRO D 55 -0.03 -0.44 16.78
C PRO D 55 -1.10 -0.70 17.79
N VAL D 56 -0.94 -1.59 18.79
CA VAL D 56 -2.05 -1.79 19.75
C VAL D 56 -1.98 -0.79 20.88
N LYS D 57 -3.09 -0.46 21.48
CA LYS D 57 -3.19 0.56 22.51
C LYS D 57 -2.59 -0.02 23.77
N ASP D 58 -2.94 -1.14 24.29
CA ASP D 58 -2.35 -1.73 25.46
C ASP D 58 -1.32 -2.79 24.91
N LEU D 59 -0.12 -2.58 25.37
CA LEU D 59 1.08 -3.29 25.08
C LEU D 59 0.91 -4.82 25.27
N MET D 60 1.39 -5.51 24.30
CA MET D 60 1.27 -6.98 24.34
C MET D 60 2.62 -7.56 24.62
N LEU D 61 2.81 -8.38 25.67
CA LEU D 61 4.13 -9.05 25.82
C LEU D 61 4.21 -10.43 25.30
N LYS D 62 5.18 -10.70 24.49
CA LYS D 62 5.26 -12.10 23.85
C LYS D 62 5.32 -13.16 24.88
N GLY D 63 4.38 -14.11 24.98
CA GLY D 63 4.68 -15.14 26.08
C GLY D 63 3.58 -14.98 27.08
N ALA D 64 3.20 -13.76 27.30
CA ALA D 64 1.97 -13.56 28.12
C ALA D 64 0.80 -13.87 27.19
N PRO D 65 -0.32 -14.27 27.75
CA PRO D 65 -1.53 -14.52 27.00
C PRO D 65 -1.96 -13.28 26.19
N ALA D 66 -2.40 -13.50 25.00
CA ALA D 66 -2.92 -12.43 24.12
C ALA D 66 -4.15 -11.77 24.74
N LEU D 67 -5.09 -12.61 25.13
CA LEU D 67 -6.36 -12.02 25.71
C LEU D 67 -6.47 -12.61 27.11
N ASN D 68 -6.54 -11.76 28.04
CA ASN D 68 -6.59 -11.97 29.49
C ASN D 68 -8.09 -11.80 29.87
#